data_5ZT1
#
_entry.id   5ZT1
#
_cell.length_a   104.267
_cell.length_b   104.267
_cell.length_c   145.769
_cell.angle_alpha   90.00
_cell.angle_beta   90.00
_cell.angle_gamma   120.00
#
_symmetry.space_group_name_H-M   'P 32 2 1'
#
loop_
_entity.id
_entity.type
_entity.pdbx_description
1 polymer 'Probable ATP synthase SpaL/MxiB'
2 non-polymer 'SULFATE ION'
3 non-polymer 'MAGNESIUM ION'
4 non-polymer 'PHOSPHOTHIOPHOSPHORIC ACID-ADENYLATE ESTER'
#
_entity_poly.entity_id   1
_entity_poly.type   'polypeptide(L)'
_entity_poly.pdbx_seq_one_letter_code
;(MSE)GSSHHHHHHSSGLVPRGSH(MSE)HTQVGRGLLGAVVNPLGEVTDKFAVTDNSEILYRPVDNAPPLYSERAAIEK
PFLTGIKVIDSLLTCGEGQR(MSE)GIFASAGCGKTFL(MSE)N(MSE)LIEHSGADIYVIGLIGERGREVTETVDYLKN
SEKKSRCVLVYATSDYSSVDRCNAAYIATAIAEFFRTEGHKVALFIDSLTRYARALRDVALAAGESPARRGYPVSVFDSL
PRLLERPGKLKAGGSITAFYTVLLEDDDFADPLAEEVRSILDGHIYLSRNLAQKGQFPAIDSLKSISRVFTQVVDEKHRI
(MSE)AAAFRELLSEIEELRTIIDFGEYKPGENASQDKIYNKISVVESFLKQDYRLGFTYEQT(MSE)ELIGETIR
;
_entity_poly.pdbx_strand_id   B,A
#
# COMPACT_ATOMS: atom_id res chain seq x y z
N SER A 19 -19.24 9.68 11.72
CA SER A 19 -19.88 8.45 12.21
C SER A 19 -19.75 7.14 11.33
N HIS A 20 -20.11 5.99 11.96
CA HIS A 20 -20.17 4.68 11.32
C HIS A 20 -21.60 4.49 10.82
N HIS A 22 -24.15 3.74 6.79
CA HIS A 22 -24.29 3.18 5.45
C HIS A 22 -24.94 4.24 4.60
N THR A 23 -24.59 4.27 3.30
CA THR A 23 -25.15 5.20 2.31
C THR A 23 -25.52 4.44 1.06
N GLN A 24 -26.11 5.15 0.10
CA GLN A 24 -26.40 4.56 -1.19
C GLN A 24 -25.25 4.76 -2.14
N VAL A 25 -25.03 3.78 -2.98
CA VAL A 25 -24.05 3.83 -4.05
C VAL A 25 -24.74 3.18 -5.25
N GLY A 26 -24.07 3.20 -6.39
CA GLY A 26 -24.59 2.65 -7.63
C GLY A 26 -24.60 3.68 -8.73
N ARG A 27 -24.85 3.21 -9.96
CA ARG A 27 -24.94 4.06 -11.14
C ARG A 27 -26.21 4.89 -11.22
N GLY A 28 -27.22 4.60 -10.39
CA GLY A 28 -28.37 5.47 -10.30
C GLY A 28 -28.01 6.84 -9.76
N LEU A 29 -26.96 6.90 -8.98
CA LEU A 29 -26.53 8.14 -8.40
C LEU A 29 -25.81 9.05 -9.39
N LEU A 30 -25.34 8.53 -10.52
CA LEU A 30 -24.74 9.42 -11.50
C LEU A 30 -25.70 10.54 -11.84
N GLY A 31 -25.18 11.76 -11.82
CA GLY A 31 -25.97 12.94 -12.02
C GLY A 31 -26.55 13.55 -10.75
N ALA A 32 -26.41 12.89 -9.62
CA ALA A 32 -27.09 13.27 -8.39
C ALA A 32 -26.28 14.22 -7.55
N VAL A 33 -27.00 14.95 -6.71
CA VAL A 33 -26.45 15.71 -5.62
C VAL A 33 -26.97 15.07 -4.36
N VAL A 34 -26.09 14.85 -3.42
CA VAL A 34 -26.32 14.01 -2.26
C VAL A 34 -25.96 14.82 -1.03
N ASN A 35 -26.86 14.88 -0.06
CA ASN A 35 -26.58 15.57 1.19
C ASN A 35 -25.90 14.58 2.13
N PRO A 36 -25.52 15.03 3.35
CA PRO A 36 -24.70 14.19 4.27
C PRO A 36 -25.44 13.05 4.94
N LEU A 37 -26.69 12.85 4.59
CA LEU A 37 -27.39 11.65 4.97
C LEU A 37 -27.29 10.61 3.85
N GLY A 38 -27.63 10.99 2.63
CA GLY A 38 -27.48 10.13 1.48
C GLY A 38 -28.63 10.31 0.51
N GLU A 39 -29.59 11.18 0.87
CA GLU A 39 -30.75 11.43 0.05
C GLU A 39 -30.47 12.49 -1.01
N VAL A 40 -30.81 12.18 -2.27
CA VAL A 40 -30.60 13.13 -3.36
C VAL A 40 -31.49 14.35 -3.14
N THR A 41 -30.93 15.54 -3.33
CA THR A 41 -31.69 16.76 -3.23
C THR A 41 -31.73 17.58 -4.51
N ASP A 42 -30.91 17.28 -5.52
CA ASP A 42 -31.02 17.91 -6.83
C ASP A 42 -30.34 17.02 -7.88
N LYS A 43 -30.36 17.45 -9.14
CA LYS A 43 -29.65 16.74 -10.20
C LYS A 43 -29.10 17.77 -11.17
N PHE A 44 -27.91 17.48 -11.71
CA PHE A 44 -27.32 18.22 -12.81
C PHE A 44 -27.39 17.38 -14.07
N ALA A 45 -27.94 16.16 -13.96
CA ALA A 45 -28.02 15.27 -15.10
C ALA A 45 -28.95 14.12 -14.76
N VAL A 46 -29.43 13.44 -15.81
CA VAL A 46 -30.36 12.30 -15.72
C VAL A 46 -29.71 11.07 -16.33
N THR A 47 -29.66 9.99 -15.56
CA THR A 47 -29.04 8.74 -15.98
C THR A 47 -30.16 7.74 -16.25
N ASP A 48 -29.91 6.86 -17.22
CA ASP A 48 -30.84 5.80 -17.59
C ASP A 48 -30.71 4.58 -16.67
N ASN A 49 -29.53 4.31 -16.11
CA ASN A 49 -29.36 3.28 -15.09
C ASN A 49 -29.93 3.74 -13.74
N SER A 50 -30.33 2.77 -12.91
CA SER A 50 -30.95 3.07 -11.62
C SER A 50 -30.55 2.08 -10.52
N GLU A 51 -29.44 1.36 -10.71
CA GLU A 51 -28.77 0.52 -9.72
C GLU A 51 -28.49 1.31 -8.45
N ILE A 52 -29.04 0.87 -7.32
CA ILE A 52 -28.87 1.62 -6.08
C ILE A 52 -28.73 0.65 -4.91
N LEU A 53 -27.50 0.22 -4.66
CA LEU A 53 -27.17 -0.65 -3.56
C LEU A 53 -26.99 0.20 -2.30
N TYR A 54 -26.91 -0.47 -1.16
CA TYR A 54 -26.66 0.14 0.15
C TYR A 54 -25.38 -0.43 0.71
N ARG A 55 -24.42 0.44 1.06
CA ARG A 55 -23.07 0.00 1.33
C ARG A 55 -22.45 0.74 2.50
N PRO A 56 -21.43 0.18 3.13
CA PRO A 56 -20.84 0.83 4.30
C PRO A 56 -19.94 2.00 3.95
N VAL A 57 -20.05 3.02 4.77
CA VAL A 57 -19.38 4.29 4.55
C VAL A 57 -17.93 4.24 5.00
N ASP A 58 -17.58 3.34 5.93
CA ASP A 58 -16.23 3.30 6.49
C ASP A 58 -15.57 1.96 6.20
N ASN A 59 -15.27 1.66 4.92
CA ASN A 59 -14.43 0.54 4.53
C ASN A 59 -12.97 0.80 4.90
N ALA A 60 -12.18 -0.27 4.83
CA ALA A 60 -10.76 -0.24 5.05
C ALA A 60 -10.03 -0.09 3.74
N PRO A 61 -8.81 0.39 3.76
CA PRO A 61 -8.10 0.49 2.54
C PRO A 61 -7.94 -0.88 1.94
N PRO A 62 -7.56 -0.96 0.67
CA PRO A 62 -7.26 -2.24 0.07
C PRO A 62 -6.08 -2.87 0.78
N LEU A 63 -6.01 -4.18 0.68
CA LEU A 63 -4.84 -4.88 1.16
C LEU A 63 -3.65 -4.61 0.22
N TYR A 64 -2.45 -4.50 0.81
CA TYR A 64 -1.23 -4.33 -0.01
C TYR A 64 -1.13 -5.40 -1.12
N SER A 65 -1.73 -6.57 -0.90
CA SER A 65 -1.79 -7.58 -1.94
C SER A 65 -2.84 -7.31 -3.02
N GLU A 66 -3.76 -6.36 -2.81
CA GLU A 66 -4.84 -6.10 -3.75
C GLU A 66 -4.53 -4.95 -4.71
N ARG A 67 -3.47 -4.20 -4.40
CA ARG A 67 -3.13 -2.92 -5.01
C ARG A 67 -2.26 -3.11 -6.22
N ALA A 68 -2.57 -2.37 -7.28
CA ALA A 68 -1.66 -2.25 -8.40
C ALA A 68 -0.60 -1.23 -8.09
N ALA A 69 0.50 -1.30 -8.83
CA ALA A 69 1.49 -0.25 -8.74
C ALA A 69 1.05 0.90 -9.61
N ILE A 70 1.60 2.07 -9.32
CA ILE A 70 1.23 3.29 -10.02
C ILE A 70 2.25 3.49 -11.15
N GLU A 71 1.76 3.36 -12.39
CA GLU A 71 2.66 3.37 -13.54
C GLU A 71 2.17 4.27 -14.66
N LYS A 72 0.87 4.15 -15.02
CA LYS A 72 0.28 4.93 -16.12
C LYS A 72 -0.21 6.30 -15.62
N PRO A 73 0.02 7.38 -16.37
CA PRO A 73 -0.31 8.70 -15.85
C PRO A 73 -1.82 8.90 -15.72
N PHE A 74 -2.16 9.80 -14.79
CA PHE A 74 -3.48 10.44 -14.79
C PHE A 74 -3.32 11.78 -15.50
N LEU A 75 -4.10 11.91 -16.57
CA LEU A 75 -3.97 13.01 -17.50
C LEU A 75 -5.00 14.06 -17.16
N THR A 76 -4.52 15.27 -16.85
CA THR A 76 -5.43 16.35 -16.50
C THR A 76 -5.71 17.30 -17.66
N GLY A 77 -4.76 17.56 -18.53
CA GLY A 77 -5.00 18.46 -19.63
C GLY A 77 -4.43 19.81 -19.37
N ILE A 78 -3.82 19.98 -18.23
CA ILE A 78 -3.33 21.26 -17.77
C ILE A 78 -1.82 21.20 -18.00
N LYS A 79 -1.35 22.02 -18.93
CA LYS A 79 0.06 22.05 -19.30
C LYS A 79 0.99 21.89 -18.11
N VAL A 80 0.82 22.73 -17.10
CA VAL A 80 1.86 22.80 -16.10
C VAL A 80 1.85 21.63 -15.15
N ILE A 81 0.74 20.91 -14.97
CA ILE A 81 0.85 19.72 -14.12
C ILE A 81 1.26 18.51 -14.96
N ASP A 82 0.64 18.33 -16.14
CA ASP A 82 1.00 17.23 -17.03
C ASP A 82 2.46 17.29 -17.48
N SER A 83 3.06 18.45 -17.52
CA SER A 83 4.48 18.45 -17.83
C SER A 83 5.36 18.33 -16.58
N LEU A 84 5.18 19.15 -15.53
CA LEU A 84 6.13 19.17 -14.41
C LEU A 84 5.67 18.46 -13.12
N LEU A 85 4.42 17.98 -13.04
CA LEU A 85 3.89 17.39 -11.80
C LEU A 85 2.93 16.28 -12.15
N THR A 86 3.32 15.45 -13.08
CA THR A 86 2.43 14.48 -13.68
C THR A 86 1.80 13.60 -12.61
N CYS A 87 0.51 13.37 -12.76
CA CYS A 87 -0.17 12.54 -11.80
C CYS A 87 -0.16 11.10 -12.28
N GLY A 88 -0.22 10.18 -11.32
CA GLY A 88 -0.42 8.78 -11.59
C GLY A 88 -1.83 8.29 -11.31
N GLU A 89 -2.33 7.46 -12.21
CA GLU A 89 -3.63 6.85 -11.99
C GLU A 89 -3.57 6.10 -10.67
N GLY A 90 -4.34 6.56 -9.68
CA GLY A 90 -4.35 5.97 -8.36
C GLY A 90 -3.52 6.75 -7.35
N GLN A 91 -2.83 7.77 -7.82
CA GLN A 91 -2.16 8.69 -6.94
C GLN A 91 -3.14 9.45 -6.03
N ARG A 92 -2.64 9.90 -4.88
CA ARG A 92 -3.40 10.73 -3.94
C ARG A 92 -2.66 12.05 -3.85
N GLY A 94 -2.39 16.22 -2.92
CA GLY A 94 -2.86 17.38 -2.22
C GLY A 94 -2.93 18.58 -3.15
N ILE A 95 -3.85 19.51 -2.81
CA ILE A 95 -3.90 20.84 -3.43
C ILE A 95 -3.98 21.82 -2.30
N PHE A 96 -2.93 22.63 -2.14
CA PHE A 96 -2.78 23.54 -1.02
C PHE A 96 -3.08 24.91 -1.55
N ALA A 97 -4.11 25.54 -1.01
CA ALA A 97 -4.51 26.83 -1.52
C ALA A 97 -5.15 27.66 -0.42
N SER A 98 -4.84 28.95 -0.41
CA SER A 98 -5.66 29.84 0.37
C SER A 98 -7.03 29.93 -0.29
N ALA A 99 -8.00 30.48 0.44
CA ALA A 99 -9.41 30.44 0.04
C ALA A 99 -9.71 31.38 -1.10
N GLY A 100 -10.68 30.97 -1.88
CA GLY A 100 -11.02 31.71 -3.06
C GLY A 100 -11.36 30.88 -4.30
N CYS A 101 -11.18 31.57 -5.43
CA CYS A 101 -11.47 31.07 -6.78
C CYS A 101 -10.30 30.26 -7.29
N GLY A 102 -9.11 30.85 -7.26
CA GLY A 102 -7.92 30.08 -7.65
C GLY A 102 -8.14 28.60 -7.48
N LYS A 103 -8.41 28.20 -6.24
CA LYS A 103 -8.74 26.82 -5.94
C LYS A 103 -9.79 26.33 -6.91
N THR A 104 -10.95 26.99 -6.98
CA THR A 104 -12.03 26.33 -7.72
C THR A 104 -11.91 26.52 -9.22
N PHE A 105 -11.05 27.42 -9.68
CA PHE A 105 -10.63 27.46 -11.08
C PHE A 105 -9.83 26.21 -11.47
N LEU A 106 -8.87 25.82 -10.63
CA LEU A 106 -8.07 24.64 -10.92
C LEU A 106 -8.89 23.38 -10.83
N ASN A 108 -12.08 23.00 -11.43
CA ASN A 108 -12.97 22.90 -12.57
C ASN A 108 -12.23 22.39 -13.79
N LEU A 110 -9.46 20.32 -13.77
CA LEU A 110 -9.23 18.90 -13.58
C LEU A 110 -10.43 18.08 -13.99
N ILE A 111 -11.63 18.47 -13.56
CA ILE A 111 -12.80 17.74 -13.98
C ILE A 111 -13.05 17.88 -15.48
N GLU A 112 -12.76 19.05 -16.06
CA GLU A 112 -13.10 19.27 -17.47
C GLU A 112 -12.16 18.49 -18.39
N HIS A 113 -10.87 18.70 -18.23
CA HIS A 113 -9.86 18.30 -19.18
C HIS A 113 -9.13 17.03 -18.79
N SER A 114 -9.53 16.38 -17.71
CA SER A 114 -9.02 15.05 -17.46
C SER A 114 -9.88 14.06 -18.26
N GLY A 115 -9.56 12.76 -18.14
CA GLY A 115 -10.30 11.77 -18.89
C GLY A 115 -10.79 10.62 -18.05
N ALA A 116 -11.18 10.94 -16.86
CA ALA A 116 -11.62 9.86 -16.01
C ALA A 116 -13.02 9.46 -16.42
N ASP A 117 -13.39 8.25 -15.98
CA ASP A 117 -14.66 7.64 -16.30
C ASP A 117 -15.75 8.18 -15.40
N ILE A 118 -15.38 8.44 -14.16
CA ILE A 118 -16.35 8.91 -13.19
C ILE A 118 -15.66 9.91 -12.27
N TYR A 119 -16.46 10.88 -11.85
CA TYR A 119 -16.05 11.92 -10.93
C TYR A 119 -16.99 11.87 -9.75
N VAL A 120 -16.41 11.74 -8.54
CA VAL A 120 -17.13 11.91 -7.28
C VAL A 120 -16.53 13.10 -6.57
N ILE A 121 -17.36 14.07 -6.22
CA ILE A 121 -16.89 15.35 -5.71
C ILE A 121 -17.55 15.53 -4.37
N GLY A 122 -16.73 15.81 -3.36
CA GLY A 122 -17.19 15.96 -2.00
C GLY A 122 -16.86 17.34 -1.49
N LEU A 123 -17.87 18.21 -1.43
CA LEU A 123 -17.74 19.53 -0.84
C LEU A 123 -18.02 19.44 0.64
N ILE A 124 -17.13 19.96 1.44
CA ILE A 124 -17.31 19.89 2.90
C ILE A 124 -17.19 21.30 3.46
N GLY A 125 -18.22 21.72 4.20
CA GLY A 125 -18.13 22.82 5.12
C GLY A 125 -18.29 24.18 4.51
N GLU A 126 -18.45 24.25 3.20
CA GLU A 126 -18.52 25.54 2.54
C GLU A 126 -19.87 26.18 2.89
N ARG A 127 -20.15 27.34 2.30
CA ARG A 127 -21.47 27.92 2.32
C ARG A 127 -22.37 27.30 1.25
N GLY A 128 -23.66 27.58 1.31
CA GLY A 128 -24.59 27.01 0.33
C GLY A 128 -24.31 27.50 -1.08
N ARG A 129 -23.97 28.77 -1.23
CA ARG A 129 -23.67 29.28 -2.57
C ARG A 129 -22.55 28.50 -3.22
N GLU A 130 -21.58 28.06 -2.42
CA GLU A 130 -20.43 27.32 -2.93
C GLU A 130 -20.85 25.97 -3.52
N VAL A 131 -21.85 25.32 -2.93
CA VAL A 131 -22.41 24.11 -3.52
C VAL A 131 -23.14 24.42 -4.81
N THR A 132 -24.04 25.38 -4.77
CA THR A 132 -24.76 25.80 -5.95
C THR A 132 -23.87 26.16 -7.12
N GLU A 133 -22.74 26.81 -6.84
CA GLU A 133 -21.83 27.12 -7.92
C GLU A 133 -21.28 25.86 -8.57
N THR A 134 -20.91 24.84 -7.78
CA THR A 134 -20.42 23.59 -8.34
C THR A 134 -21.53 22.90 -9.13
N VAL A 135 -22.74 22.92 -8.61
CA VAL A 135 -23.84 22.29 -9.31
C VAL A 135 -24.13 23.00 -10.63
N ASP A 136 -24.00 24.33 -10.66
CA ASP A 136 -24.16 25.03 -11.93
C ASP A 136 -23.03 24.74 -12.88
N TYR A 137 -21.78 24.73 -12.40
CA TYR A 137 -20.68 24.26 -13.24
C TYR A 137 -21.02 22.92 -13.88
N LEU A 138 -21.40 21.95 -13.04
CA LEU A 138 -21.69 20.63 -13.53
C LEU A 138 -22.80 20.65 -14.57
N LYS A 139 -23.89 21.34 -14.27
CA LYS A 139 -25.00 21.44 -15.24
C LYS A 139 -24.56 21.84 -16.63
N ASN A 140 -23.44 22.57 -16.77
CA ASN A 140 -22.97 23.01 -18.08
C ASN A 140 -21.70 22.28 -18.52
N SER A 141 -21.33 21.18 -17.87
CA SER A 141 -20.21 20.35 -18.29
C SER A 141 -20.71 19.17 -19.08
N GLU A 142 -20.06 18.94 -20.23
CA GLU A 142 -20.26 17.69 -20.97
C GLU A 142 -20.08 16.45 -20.08
N LYS A 143 -19.25 16.55 -19.04
CA LYS A 143 -19.04 15.44 -18.11
C LYS A 143 -20.25 15.15 -17.24
N LYS A 144 -21.30 15.98 -17.27
CA LYS A 144 -22.29 15.94 -16.18
C LYS A 144 -22.90 14.56 -15.96
N SER A 145 -22.92 13.70 -16.94
CA SER A 145 -23.56 12.40 -16.76
C SER A 145 -22.67 11.39 -16.07
N ARG A 146 -21.34 11.61 -16.14
CA ARG A 146 -20.34 10.84 -15.44
C ARG A 146 -20.02 11.33 -14.01
N CYS A 147 -20.79 12.27 -13.41
CA CYS A 147 -20.40 12.91 -12.13
C CYS A 147 -21.40 12.64 -11.02
N VAL A 148 -20.89 12.54 -9.79
CA VAL A 148 -21.70 12.53 -8.57
C VAL A 148 -21.15 13.59 -7.62
N LEU A 149 -22.04 14.27 -6.91
CA LEU A 149 -21.67 15.34 -5.98
C LEU A 149 -22.27 15.10 -4.61
N VAL A 150 -21.43 14.88 -3.64
CA VAL A 150 -21.78 14.87 -2.22
C VAL A 150 -21.39 16.21 -1.58
N TYR A 151 -22.21 16.70 -0.63
CA TYR A 151 -21.95 17.98 0.02
C TYR A 151 -22.46 17.98 1.45
N ALA A 152 -21.91 18.89 2.23
CA ALA A 152 -22.29 19.19 3.60
C ALA A 152 -21.95 20.66 3.86
N THR A 153 -22.93 21.53 3.93
CA THR A 153 -22.58 22.92 4.17
C THR A 153 -22.28 23.12 5.63
N SER A 154 -22.00 24.36 6.00
CA SER A 154 -21.52 24.66 7.36
C SER A 154 -22.62 24.59 8.38
N ASP A 155 -23.86 24.69 7.96
CA ASP A 155 -25.01 24.60 8.85
C ASP A 155 -25.37 23.16 9.20
N TYR A 156 -24.76 22.15 8.57
CA TYR A 156 -24.85 20.78 9.05
C TYR A 156 -23.88 20.58 10.22
N SER A 157 -24.01 19.45 10.90
CA SER A 157 -23.25 19.17 12.11
C SER A 157 -21.89 18.59 11.80
N SER A 158 -21.04 18.61 12.83
CA SER A 158 -19.69 18.07 12.68
C SER A 158 -19.75 16.66 12.15
N VAL A 159 -20.63 15.85 12.71
CA VAL A 159 -20.70 14.46 12.25
C VAL A 159 -21.03 14.39 10.79
N ASP A 160 -21.99 15.20 10.35
CA ASP A 160 -22.42 15.14 8.96
C ASP A 160 -21.30 15.57 8.01
N ARG A 161 -20.47 16.50 8.45
CA ARG A 161 -19.38 16.94 7.61
C ARG A 161 -18.32 15.86 7.44
N CYS A 162 -18.11 15.07 8.48
CA CYS A 162 -17.22 13.95 8.36
C CYS A 162 -17.82 12.87 7.42
N ASN A 163 -19.14 12.64 7.43
CA ASN A 163 -19.66 11.57 6.58
C ASN A 163 -19.63 11.93 5.11
N ALA A 164 -19.76 13.23 4.78
CA ALA A 164 -19.60 13.67 3.41
C ALA A 164 -18.34 13.07 2.80
N ALA A 165 -17.21 13.26 3.50
CA ALA A 165 -15.96 12.66 3.09
C ALA A 165 -16.11 11.17 2.91
N TYR A 166 -16.78 10.50 3.85
CA TYR A 166 -16.88 9.05 3.78
C TYR A 166 -17.86 8.63 2.71
N ILE A 167 -19.03 9.25 2.64
CA ILE A 167 -19.96 8.95 1.55
C ILE A 167 -19.30 9.07 0.20
N ALA A 168 -18.54 10.15 -0.01
CA ALA A 168 -18.01 10.38 -1.34
C ALA A 168 -16.97 9.36 -1.67
N THR A 169 -16.15 8.96 -0.69
CA THR A 169 -15.18 7.90 -0.90
C THR A 169 -15.88 6.60 -1.16
N ALA A 170 -16.75 6.22 -0.22
CA ALA A 170 -17.66 5.09 -0.41
C ALA A 170 -18.26 5.08 -1.83
N ILE A 171 -18.66 6.22 -2.34
CA ILE A 171 -19.27 6.16 -3.65
C ILE A 171 -18.18 5.88 -4.69
N ALA A 172 -17.04 6.56 -4.58
CA ALA A 172 -15.94 6.32 -5.51
C ALA A 172 -15.49 4.87 -5.44
N GLU A 173 -15.60 4.26 -4.26
CA GLU A 173 -15.11 2.91 -4.07
C GLU A 173 -15.93 1.91 -4.87
N PHE A 174 -17.26 2.07 -4.88
CA PHE A 174 -18.14 1.18 -5.67
C PHE A 174 -17.75 1.13 -7.15
N PHE A 175 -17.72 2.30 -7.82
CA PHE A 175 -17.25 2.35 -9.20
C PHE A 175 -15.86 1.77 -9.36
N ARG A 176 -15.06 1.69 -8.30
CA ARG A 176 -13.72 1.12 -8.47
C ARG A 176 -13.76 -0.40 -8.53
N THR A 177 -14.61 -1.01 -7.72
CA THR A 177 -14.76 -2.46 -7.82
C THR A 177 -15.58 -2.85 -9.03
N GLU A 178 -16.31 -1.91 -9.63
CA GLU A 178 -16.90 -2.12 -10.94
C GLU A 178 -15.97 -1.70 -12.08
N GLY A 179 -14.69 -1.49 -11.80
CA GLY A 179 -13.68 -1.46 -12.82
C GLY A 179 -13.39 -0.12 -13.43
N HIS A 180 -14.02 0.93 -12.96
CA HIS A 180 -13.87 2.23 -13.59
C HIS A 180 -12.64 2.91 -13.06
N LYS A 181 -12.08 3.78 -13.90
CA LYS A 181 -11.08 4.78 -13.50
C LYS A 181 -11.79 6.01 -12.90
N VAL A 182 -11.74 6.18 -11.57
CA VAL A 182 -12.50 7.20 -10.84
C VAL A 182 -11.58 8.31 -10.35
N ALA A 183 -12.00 9.57 -10.55
CA ALA A 183 -11.42 10.70 -9.86
C ALA A 183 -12.27 11.09 -8.65
N LEU A 184 -11.58 11.37 -7.54
CA LEU A 184 -12.21 11.77 -6.29
C LEU A 184 -11.64 13.10 -5.89
N PHE A 185 -12.52 13.99 -5.46
CA PHE A 185 -12.16 15.31 -4.99
C PHE A 185 -12.72 15.46 -3.61
N ILE A 186 -11.92 15.78 -2.63
CA ILE A 186 -12.48 16.25 -1.40
C ILE A 186 -12.05 17.69 -1.22
N ASP A 187 -13.02 18.62 -1.33
CA ASP A 187 -12.73 20.04 -1.11
C ASP A 187 -12.81 20.41 0.38
N SER A 188 -11.65 20.84 0.88
CA SER A 188 -11.32 21.02 2.26
C SER A 188 -11.32 19.70 3.00
N LEU A 189 -10.16 19.08 2.92
CA LEU A 189 -9.69 18.21 3.98
C LEU A 189 -9.58 18.95 5.28
N THR A 190 -9.29 20.24 5.26
CA THR A 190 -9.06 20.89 6.54
C THR A 190 -10.37 21.13 7.24
N ARG A 191 -11.48 21.01 6.54
CA ARG A 191 -12.77 21.11 7.16
C ARG A 191 -13.33 19.74 7.52
N TYR A 192 -13.02 18.72 6.72
CA TYR A 192 -13.17 17.37 7.24
C TYR A 192 -12.54 17.28 8.63
N ALA A 193 -11.25 17.59 8.71
CA ALA A 193 -10.50 17.36 9.93
C ALA A 193 -10.99 18.21 11.09
N ARG A 194 -11.57 19.35 10.79
CA ARG A 194 -12.03 20.19 11.88
C ARG A 194 -13.34 19.69 12.44
N ALA A 195 -14.21 19.15 11.59
CA ALA A 195 -15.41 18.47 12.06
C ALA A 195 -15.02 17.22 12.82
N LEU A 196 -14.09 16.46 12.24
CA LEU A 196 -13.59 15.26 12.88
C LEU A 196 -13.22 15.56 14.32
N ARG A 197 -12.56 16.69 14.57
CA ARG A 197 -12.15 16.99 15.94
C ARG A 197 -13.31 17.51 16.79
N ASP A 198 -14.17 18.40 16.24
CA ASP A 198 -15.28 18.86 17.08
C ASP A 198 -16.05 17.65 17.61
N VAL A 199 -16.13 16.59 16.80
CA VAL A 199 -16.67 15.32 17.27
C VAL A 199 -15.84 14.77 18.42
N ALA A 200 -14.54 14.62 18.23
CA ALA A 200 -13.72 14.00 19.27
C ALA A 200 -13.80 14.81 20.55
N LEU A 201 -13.86 16.12 20.43
CA LEU A 201 -13.93 16.96 21.62
C LEU A 201 -15.31 16.93 22.26
N ALA A 202 -16.37 16.79 21.46
CA ALA A 202 -17.69 16.51 22.04
C ALA A 202 -17.66 15.25 22.88
N ALA A 203 -17.17 14.13 22.30
CA ALA A 203 -17.01 12.87 23.02
C ALA A 203 -16.17 13.01 24.30
N GLY A 204 -15.47 14.14 24.44
CA GLY A 204 -14.60 14.40 25.58
C GLY A 204 -13.26 13.74 25.34
N GLU A 205 -12.37 14.37 24.58
CA GLU A 205 -11.01 13.88 24.38
C GLU A 205 -10.03 15.04 24.49
N SER A 206 -8.84 14.72 24.87
CA SER A 206 -7.89 15.73 25.27
C SER A 206 -7.21 16.27 24.01
N PRO A 207 -7.21 17.55 23.79
CA PRO A 207 -6.34 18.14 22.77
C PRO A 207 -4.87 17.81 22.97
N ALA A 208 -4.30 16.99 22.10
CA ALA A 208 -2.86 16.85 22.01
C ALA A 208 -2.34 18.00 21.16
N ARG A 209 -2.25 17.74 19.87
CA ARG A 209 -1.46 18.55 18.96
C ARG A 209 -2.27 19.78 18.59
N ARG A 210 -2.05 20.88 19.30
CA ARG A 210 -2.45 22.21 18.81
C ARG A 210 -3.97 22.35 18.64
N GLY A 211 -4.74 21.65 19.48
CA GLY A 211 -6.19 21.68 19.44
C GLY A 211 -6.85 20.35 19.14
N TYR A 212 -6.11 19.40 18.57
CA TYR A 212 -6.65 18.22 17.93
C TYR A 212 -6.42 17.01 18.79
N PRO A 213 -7.47 16.31 19.23
CA PRO A 213 -7.30 14.98 19.82
C PRO A 213 -6.46 14.06 18.93
N VAL A 214 -5.55 13.31 19.56
CA VAL A 214 -4.66 12.42 18.83
C VAL A 214 -5.44 11.45 17.93
N SER A 215 -6.75 11.36 18.11
CA SER A 215 -7.51 10.42 17.32
C SER A 215 -7.62 10.86 15.89
N VAL A 216 -7.62 12.17 15.65
CA VAL A 216 -7.93 12.59 14.30
C VAL A 216 -6.80 12.25 13.37
N PHE A 217 -5.57 12.28 13.87
CA PHE A 217 -4.38 12.04 13.06
C PHE A 217 -4.06 10.56 12.88
N ASP A 218 -4.78 9.67 13.56
CA ASP A 218 -4.74 8.23 13.30
C ASP A 218 -5.92 7.76 12.46
N SER A 219 -6.98 8.58 12.41
CA SER A 219 -8.11 8.43 11.49
C SER A 219 -7.78 8.92 10.08
N LEU A 220 -6.76 9.76 9.95
CA LEU A 220 -6.41 10.34 8.66
C LEU A 220 -5.87 9.34 7.67
N PRO A 221 -4.86 8.53 7.99
CA PRO A 221 -4.37 7.55 7.02
C PRO A 221 -5.44 6.61 6.52
N ARG A 222 -6.40 6.27 7.36
CA ARG A 222 -7.45 5.37 6.95
C ARG A 222 -8.31 5.99 5.86
N LEU A 223 -8.73 7.23 6.05
CA LEU A 223 -9.47 7.94 4.99
C LEU A 223 -8.66 8.00 3.70
N LEU A 224 -7.40 8.43 3.80
CA LEU A 224 -6.57 8.84 2.67
C LEU A 224 -5.88 7.70 1.97
N GLU A 225 -5.88 6.49 2.52
CA GLU A 225 -5.34 5.33 1.85
C GLU A 225 -6.42 4.47 1.21
N ARG A 226 -7.65 4.91 1.23
CA ARG A 226 -8.65 4.11 0.54
C ARG A 226 -8.59 4.18 -1.01
N PRO A 227 -8.20 5.31 -1.64
CA PRO A 227 -7.77 5.20 -3.05
C PRO A 227 -6.46 4.45 -3.12
N GLY A 228 -5.84 4.13 -4.26
CA GLY A 228 -6.30 4.29 -5.61
C GLY A 228 -6.40 3.00 -6.39
N LYS A 229 -5.30 2.52 -7.01
CA LYS A 229 -5.40 1.51 -8.09
C LYS A 229 -5.29 0.06 -7.61
N LEU A 230 -6.11 -0.80 -8.19
CA LEU A 230 -6.31 -2.19 -7.79
C LEU A 230 -5.88 -3.20 -8.87
N LYS A 231 -5.27 -4.32 -8.45
CA LYS A 231 -4.90 -5.34 -9.44
C LYS A 231 -6.10 -5.85 -10.23
N ALA A 232 -7.29 -5.86 -9.63
CA ALA A 232 -8.46 -6.38 -10.35
C ALA A 232 -8.95 -5.42 -11.41
N GLY A 233 -8.25 -4.31 -11.62
CA GLY A 233 -8.78 -3.20 -12.39
C GLY A 233 -9.76 -2.36 -11.57
N GLY A 234 -9.79 -1.08 -11.86
CA GLY A 234 -10.44 -0.14 -10.97
C GLY A 234 -9.33 0.73 -10.42
N SER A 235 -9.59 2.02 -10.35
CA SER A 235 -8.68 2.92 -9.70
C SER A 235 -9.52 4.04 -9.13
N ILE A 236 -9.03 4.69 -8.06
CA ILE A 236 -9.49 6.00 -7.67
C ILE A 236 -8.26 6.86 -7.57
N THR A 237 -8.10 7.81 -8.49
CA THR A 237 -7.19 8.93 -8.29
C THR A 237 -7.90 10.00 -7.44
N ALA A 238 -7.22 10.51 -6.42
CA ALA A 238 -7.86 11.34 -5.39
C ALA A 238 -7.09 12.62 -5.21
N PHE A 239 -7.75 13.74 -5.52
CA PHE A 239 -7.26 15.07 -5.19
C PHE A 239 -7.97 15.62 -3.96
N TYR A 240 -7.20 16.18 -3.05
CA TYR A 240 -7.65 16.52 -1.70
C TYR A 240 -7.21 17.94 -1.42
N THR A 241 -8.12 18.78 -0.96
CA THR A 241 -7.80 20.18 -0.78
C THR A 241 -7.38 20.49 0.65
N VAL A 242 -6.41 21.40 0.77
CA VAL A 242 -5.95 21.87 2.08
C VAL A 242 -5.87 23.40 2.11
N LEU A 243 -6.62 24.01 3.01
CA LEU A 243 -6.57 25.46 3.17
C LEU A 243 -5.32 25.89 3.93
N LEU A 244 -4.67 26.91 3.36
CA LEU A 244 -3.51 27.59 3.93
C LEU A 244 -3.98 28.90 4.54
N GLU A 245 -3.93 28.96 5.85
CA GLU A 245 -4.43 30.08 6.63
C GLU A 245 -3.32 30.54 7.55
N ASP A 246 -2.68 29.60 8.23
CA ASP A 246 -1.49 29.90 9.01
C ASP A 246 -0.42 28.85 8.73
N ASP A 247 0.62 28.87 9.56
CA ASP A 247 1.88 28.21 9.32
C ASP A 247 1.89 26.79 9.89
N ASP A 248 2.89 26.02 9.45
CA ASP A 248 3.02 24.61 9.81
C ASP A 248 3.04 24.36 11.32
N PHE A 249 3.33 25.37 12.13
CA PHE A 249 3.25 25.24 13.58
C PHE A 249 1.81 25.34 14.05
N ALA A 250 1.11 26.30 13.46
CA ALA A 250 -0.22 26.69 13.87
C ALA A 250 -1.29 25.74 13.36
N ASP A 251 -1.19 25.30 12.10
CA ASP A 251 -2.04 24.27 11.53
C ASP A 251 -1.25 22.99 11.40
N PRO A 252 -1.48 22.00 12.25
CA PRO A 252 -0.80 20.70 12.08
C PRO A 252 -1.12 19.95 10.78
N LEU A 253 -2.28 20.18 10.16
CA LEU A 253 -2.71 19.35 9.02
C LEU A 253 -1.67 19.28 7.92
N ALA A 254 -1.23 20.44 7.42
CA ALA A 254 -0.40 20.46 6.22
C ALA A 254 0.79 19.53 6.34
N GLU A 255 1.52 19.62 7.44
CA GLU A 255 2.63 18.69 7.67
C GLU A 255 2.17 17.24 7.64
N GLU A 256 1.01 16.94 8.20
CA GLU A 256 0.55 15.56 8.25
C GLU A 256 0.07 15.11 6.88
N VAL A 257 -0.80 15.89 6.27
CA VAL A 257 -1.29 15.54 4.95
C VAL A 257 -0.15 15.33 3.98
N ARG A 258 0.86 16.18 4.05
CA ARG A 258 2.02 16.05 3.20
C ARG A 258 2.66 14.68 3.34
N SER A 259 2.78 14.17 4.55
CA SER A 259 3.48 12.91 4.75
C SER A 259 2.67 11.70 4.25
N ILE A 260 1.36 11.82 4.20
CA ILE A 260 0.51 10.70 3.81
C ILE A 260 0.21 10.66 2.31
N LEU A 261 0.17 11.81 1.64
CA LEU A 261 -0.18 11.83 0.23
C LEU A 261 1.05 11.60 -0.66
N ASP A 262 0.78 11.41 -1.96
CA ASP A 262 1.81 11.17 -2.97
C ASP A 262 2.24 12.46 -3.65
N GLY A 263 2.34 13.58 -2.91
CA GLY A 263 2.76 14.84 -3.48
C GLY A 263 1.76 15.95 -3.24
N HIS A 264 1.94 17.07 -3.98
CA HIS A 264 1.07 18.22 -3.74
C HIS A 264 1.28 19.36 -4.75
N ILE A 265 0.16 19.90 -5.28
CA ILE A 265 0.10 21.11 -6.09
C ILE A 265 -0.04 22.28 -5.12
N TYR A 266 0.83 23.28 -5.21
CA TYR A 266 0.70 24.48 -4.39
C TYR A 266 0.20 25.60 -5.28
N LEU A 267 -0.99 26.14 -4.97
CA LEU A 267 -1.44 27.40 -5.56
C LEU A 267 -0.81 28.58 -4.85
N SER A 268 -0.41 29.58 -5.63
CA SER A 268 0.34 30.73 -5.15
C SER A 268 -0.55 31.96 -5.04
N ARG A 269 -0.49 32.63 -3.89
CA ARG A 269 -1.17 33.91 -3.78
C ARG A 269 -0.49 34.95 -4.63
N ASN A 270 0.82 34.95 -4.62
CA ASN A 270 1.53 35.92 -5.43
C ASN A 270 1.15 35.80 -6.88
N LEU A 271 1.10 34.57 -7.39
CA LEU A 271 0.75 34.39 -8.79
C LEU A 271 -0.71 34.72 -9.02
N ALA A 272 -1.58 34.43 -8.06
CA ALA A 272 -2.98 34.73 -8.25
C ALA A 272 -3.22 36.25 -8.32
N GLN A 273 -2.70 36.98 -7.32
CA GLN A 273 -2.73 38.44 -7.20
C GLN A 273 -2.08 39.17 -8.38
N LYS A 274 -1.48 38.44 -9.32
CA LYS A 274 -1.09 38.96 -10.60
C LYS A 274 -1.98 38.42 -11.71
N GLY A 275 -2.86 37.48 -11.39
CA GLY A 275 -3.68 36.87 -12.41
C GLY A 275 -2.96 35.92 -13.34
N GLN A 276 -1.87 35.29 -12.91
CA GLN A 276 -1.43 34.08 -13.60
C GLN A 276 -2.35 32.94 -13.16
N PHE A 277 -3.16 32.43 -14.11
CA PHE A 277 -3.96 31.24 -13.84
C PHE A 277 -3.61 30.12 -14.80
N PRO A 278 -3.55 28.88 -14.29
CA PRO A 278 -3.67 28.43 -12.91
C PRO A 278 -2.46 28.83 -12.08
N ALA A 279 -2.73 29.16 -10.84
CA ALA A 279 -1.73 29.81 -10.03
C ALA A 279 -0.82 28.82 -9.35
N ILE A 280 -0.19 27.94 -10.13
CA ILE A 280 0.62 26.85 -9.58
C ILE A 280 2.07 27.27 -9.47
N ASP A 281 2.60 27.25 -8.24
CA ASP A 281 4.03 27.40 -7.97
C ASP A 281 4.74 26.06 -8.07
N SER A 282 5.24 25.74 -9.28
CA SER A 282 6.02 24.54 -9.49
C SER A 282 7.24 24.47 -8.59
N LEU A 283 7.74 25.61 -8.09
CA LEU A 283 8.77 25.48 -7.06
C LEU A 283 8.25 24.69 -5.90
N LYS A 284 7.05 25.01 -5.41
CA LYS A 284 6.53 24.50 -4.15
C LYS A 284 5.72 23.23 -4.30
N SER A 285 5.53 22.72 -5.52
CA SER A 285 4.78 21.52 -5.82
C SER A 285 5.68 20.35 -6.20
N ILE A 286 5.17 19.13 -6.03
CA ILE A 286 5.88 17.87 -6.39
C ILE A 286 4.90 16.74 -6.62
N SER A 287 5.05 15.99 -7.72
CA SER A 287 4.47 14.66 -7.80
C SER A 287 5.51 13.67 -7.34
N ARG A 288 5.17 12.89 -6.33
CA ARG A 288 6.07 11.91 -5.78
C ARG A 288 6.10 10.63 -6.60
N VAL A 289 5.20 10.48 -7.56
CA VAL A 289 5.20 9.38 -8.52
C VAL A 289 5.60 9.86 -9.92
N PHE A 290 6.36 10.95 -10.03
CA PHE A 290 6.77 11.49 -11.32
C PHE A 290 7.55 10.45 -12.08
N THR A 291 8.72 10.12 -11.51
CA THR A 291 9.73 9.22 -12.05
C THR A 291 9.07 8.02 -12.68
N GLN A 292 8.07 7.47 -12.01
CA GLN A 292 7.50 6.18 -12.36
C GLN A 292 6.29 6.26 -13.28
N VAL A 293 5.96 7.43 -13.83
CA VAL A 293 4.80 7.50 -14.72
C VAL A 293 5.15 8.32 -15.96
N VAL A 294 6.33 8.93 -16.00
CA VAL A 294 6.79 9.58 -17.21
C VAL A 294 8.13 8.97 -17.62
N ASP A 295 8.37 8.95 -18.93
CA ASP A 295 9.58 8.36 -19.49
C ASP A 295 10.78 9.32 -19.35
N GLU A 296 11.97 8.79 -19.66
CA GLU A 296 13.21 9.52 -19.42
C GLU A 296 13.35 10.73 -20.35
N LYS A 297 12.73 10.67 -21.54
CA LYS A 297 12.54 11.84 -22.39
C LYS A 297 12.11 12.98 -21.49
N HIS A 298 10.89 12.76 -20.96
CA HIS A 298 10.12 13.71 -20.17
C HIS A 298 10.94 14.20 -19.02
N ARG A 299 11.41 13.26 -18.21
CA ARG A 299 12.18 13.60 -17.02
C ARG A 299 13.18 14.70 -17.36
N ILE A 300 13.78 14.62 -18.54
CA ILE A 300 14.85 15.55 -18.87
C ILE A 300 14.29 16.92 -19.19
N ALA A 302 11.46 18.22 -18.64
CA ALA A 302 10.86 18.82 -17.45
C ALA A 302 11.92 19.49 -16.60
N ALA A 303 13.00 18.77 -16.30
CA ALA A 303 14.07 19.31 -15.47
C ALA A 303 14.71 20.52 -16.15
N ALA A 304 14.80 20.47 -17.50
CA ALA A 304 15.19 21.63 -18.29
C ALA A 304 14.37 22.84 -17.93
N PHE A 305 13.06 22.73 -18.19
CA PHE A 305 12.13 23.84 -17.99
C PHE A 305 12.26 24.44 -16.59
N ARG A 306 12.31 23.59 -15.56
CA ARG A 306 12.49 24.12 -14.21
C ARG A 306 13.71 25.02 -14.17
N GLU A 307 14.82 24.58 -14.77
CA GLU A 307 16.04 25.37 -14.78
C GLU A 307 15.80 26.69 -15.49
N LEU A 308 15.17 26.64 -16.66
CA LEU A 308 14.75 27.84 -17.35
C LEU A 308 14.04 28.84 -16.42
N LEU A 309 12.88 28.44 -15.88
CA LEU A 309 12.17 29.20 -14.84
C LEU A 309 13.11 29.86 -13.84
N SER A 310 14.07 29.09 -13.33
CA SER A 310 15.00 29.64 -12.35
C SER A 310 15.79 30.80 -12.96
N GLU A 311 16.11 30.74 -14.25
CA GLU A 311 16.98 31.77 -14.78
C GLU A 311 16.21 32.95 -15.30
N ILE A 312 14.93 32.80 -15.61
CA ILE A 312 14.15 33.98 -15.97
C ILE A 312 14.09 34.96 -14.81
N GLU A 313 14.04 34.47 -13.56
CA GLU A 313 14.02 35.36 -12.38
C GLU A 313 15.08 36.45 -12.53
N GLU A 314 16.20 36.10 -13.16
CA GLU A 314 17.30 37.00 -13.46
C GLU A 314 17.08 37.69 -14.84
N PRO A 326 10.18 43.37 -25.47
CA PRO A 326 9.85 44.75 -25.85
C PRO A 326 9.32 45.71 -24.72
N GLY A 327 8.37 46.57 -25.07
CA GLY A 327 8.18 47.86 -24.42
C GLY A 327 9.05 49.02 -24.95
N GLU A 328 9.50 49.08 -26.24
CA GLU A 328 9.38 47.99 -27.26
C GLU A 328 10.36 47.97 -28.47
N ASN A 329 11.56 48.54 -28.34
CA ASN A 329 12.62 48.44 -29.37
C ASN A 329 14.04 48.75 -28.87
N ALA A 330 14.74 47.75 -28.24
CA ALA A 330 16.00 48.01 -27.54
C ALA A 330 16.97 46.83 -27.46
N SER A 331 16.64 45.64 -28.00
CA SER A 331 17.42 44.39 -27.93
C SER A 331 17.41 43.69 -26.56
N GLN A 332 16.96 44.37 -25.49
CA GLN A 332 16.34 43.69 -24.36
C GLN A 332 15.25 42.76 -24.86
N ASP A 333 14.66 43.08 -26.02
CA ASP A 333 13.65 42.26 -26.69
C ASP A 333 13.86 40.78 -26.45
N LYS A 334 15.14 40.33 -26.49
CA LYS A 334 15.44 38.91 -26.36
C LYS A 334 14.93 38.35 -25.04
N ILE A 335 14.99 39.14 -23.97
CA ILE A 335 14.44 38.78 -22.66
C ILE A 335 12.94 38.59 -22.80
N TYR A 336 12.22 39.71 -22.99
CA TYR A 336 10.76 39.71 -23.02
C TYR A 336 10.13 38.56 -23.83
N ASN A 337 10.80 38.08 -24.91
CA ASN A 337 10.20 37.06 -25.76
C ASN A 337 10.32 35.66 -25.24
N LYS A 338 11.20 35.42 -24.28
CA LYS A 338 11.22 34.15 -23.58
C LYS A 338 10.36 34.20 -22.33
N ILE A 339 10.46 35.25 -21.51
CA ILE A 339 9.43 35.43 -20.48
C ILE A 339 8.05 35.17 -21.06
N SER A 340 7.80 35.65 -22.26
CA SER A 340 6.46 35.58 -22.80
C SER A 340 6.11 34.23 -23.41
N VAL A 341 7.10 33.37 -23.69
CA VAL A 341 6.71 32.01 -24.05
C VAL A 341 6.56 31.20 -22.78
N VAL A 342 7.43 31.45 -21.79
CA VAL A 342 7.27 30.86 -20.47
C VAL A 342 5.89 31.18 -19.92
N GLU A 343 5.62 32.47 -19.68
CA GLU A 343 4.32 32.91 -19.20
C GLU A 343 3.20 32.41 -20.11
N SER A 344 3.46 32.25 -21.38
CA SER A 344 2.40 31.76 -22.23
C SER A 344 2.19 30.28 -22.02
N PHE A 345 3.25 29.54 -21.73
CA PHE A 345 3.10 28.10 -21.51
C PHE A 345 2.34 27.84 -20.22
N LEU A 346 2.70 28.56 -19.16
CA LEU A 346 2.13 28.27 -17.85
C LEU A 346 0.68 28.71 -17.77
N LYS A 347 0.33 29.80 -18.43
CA LYS A 347 -1.03 30.26 -18.40
C LYS A 347 -1.90 29.34 -19.22
N GLN A 348 -3.14 29.17 -18.78
CA GLN A 348 -4.09 28.39 -19.55
C GLN A 348 -5.49 28.97 -19.39
N ASP A 349 -6.25 28.94 -20.49
CA ASP A 349 -7.63 29.40 -20.53
C ASP A 349 -8.52 28.29 -19.97
N TYR A 350 -9.51 28.65 -19.15
CA TYR A 350 -10.29 27.64 -18.47
C TYR A 350 -11.02 26.66 -19.39
N ARG A 351 -11.12 26.98 -20.68
CA ARG A 351 -11.89 26.19 -21.61
C ARG A 351 -11.06 25.20 -22.44
N LEU A 352 -9.74 25.21 -22.30
CA LEU A 352 -8.82 24.52 -23.19
C LEU A 352 -8.13 23.37 -22.48
N GLY A 353 -8.25 22.17 -23.03
CA GLY A 353 -7.45 21.02 -22.62
C GLY A 353 -6.41 20.65 -23.67
N PHE A 354 -5.18 20.42 -23.21
CA PHE A 354 -4.11 19.93 -24.06
C PHE A 354 -3.76 18.49 -23.74
N THR A 355 -3.52 17.71 -24.78
CA THR A 355 -3.05 16.35 -24.60
C THR A 355 -1.51 16.27 -24.59
N TYR A 356 -1.02 15.14 -24.03
CA TYR A 356 0.38 14.94 -23.70
C TYR A 356 1.29 15.55 -24.78
N GLU A 357 1.03 15.19 -26.03
CA GLU A 357 1.85 15.64 -27.14
C GLU A 357 1.89 17.15 -27.18
N GLN A 358 0.71 17.76 -27.32
CA GLN A 358 0.63 19.20 -27.32
C GLN A 358 1.42 19.78 -26.17
N THR A 359 1.13 19.34 -24.95
CA THR A 359 1.89 19.85 -23.83
C THR A 359 3.38 19.65 -24.08
N GLU A 361 5.14 19.01 -26.91
CA GLU A 361 5.62 19.85 -27.99
C GLU A 361 5.90 21.25 -27.48
N LEU A 362 4.86 21.90 -26.94
CA LEU A 362 4.95 23.29 -26.49
C LEU A 362 6.10 23.47 -25.51
N ILE A 363 6.32 22.49 -24.64
CA ILE A 363 7.43 22.67 -23.71
C ILE A 363 8.76 22.52 -24.43
N GLY A 364 8.84 21.61 -25.41
CA GLY A 364 10.04 21.54 -26.23
C GLY A 364 10.36 22.86 -26.92
N GLU A 365 9.36 23.49 -27.53
CA GLU A 365 9.50 24.77 -28.24
C GLU A 365 10.02 25.89 -27.36
N THR A 366 10.15 25.67 -26.04
CA THR A 366 10.49 26.67 -25.04
C THR A 366 11.97 26.69 -24.70
N ILE A 367 12.60 25.51 -24.72
CA ILE A 367 13.97 25.33 -24.25
C ILE A 367 14.96 25.24 -25.39
N ARG A 368 14.53 25.52 -26.62
CA ARG A 368 15.41 25.48 -27.79
C ARG A 368 16.05 26.85 -28.08
N SER B 19 -3.49 -2.26 23.67
CA SER B 19 -2.22 -2.81 24.10
C SER B 19 -1.18 -1.71 24.31
N HIS B 20 -0.44 -1.82 25.42
CA HIS B 20 0.64 -0.89 25.67
C HIS B 20 1.96 -1.57 25.99
N HIS B 22 5.45 -2.67 25.94
CA HIS B 22 6.72 -2.54 25.26
C HIS B 22 7.56 -3.79 25.52
N THR B 23 8.39 -4.15 24.55
CA THR B 23 9.30 -5.26 24.67
C THR B 23 10.71 -4.79 24.37
N GLN B 24 11.71 -5.58 24.74
CA GLN B 24 13.06 -5.20 24.44
C GLN B 24 13.42 -5.68 23.05
N VAL B 25 14.16 -4.82 22.37
CA VAL B 25 14.58 -4.98 20.98
C VAL B 25 16.01 -4.45 20.85
N GLY B 26 16.65 -4.74 19.73
CA GLY B 26 17.99 -4.27 19.48
C GLY B 26 18.98 -5.39 19.33
N ARG B 27 20.22 -4.99 19.01
CA ARG B 27 21.29 -5.90 18.64
C ARG B 27 21.78 -6.77 19.80
N GLY B 28 21.43 -6.45 21.03
CA GLY B 28 21.78 -7.31 22.14
C GLY B 28 20.69 -8.32 22.41
N LEU B 29 19.95 -8.66 21.38
CA LEU B 29 19.07 -9.80 21.39
C LEU B 29 19.51 -10.86 20.39
N LEU B 30 20.48 -10.58 19.54
CA LEU B 30 20.89 -11.55 18.54
C LEU B 30 21.57 -12.69 19.26
N GLY B 31 21.15 -13.89 18.95
CA GLY B 31 21.64 -15.09 19.60
C GLY B 31 20.72 -15.61 20.68
N ALA B 32 19.75 -14.79 21.10
CA ALA B 32 18.92 -15.01 22.28
C ALA B 32 17.62 -15.76 22.01
N VAL B 33 17.10 -16.39 23.06
CA VAL B 33 15.81 -17.04 23.02
C VAL B 33 14.91 -16.34 24.03
N VAL B 34 13.87 -15.70 23.53
CA VAL B 34 13.01 -14.79 24.26
C VAL B 34 11.68 -15.48 24.52
N ASN B 35 11.10 -15.29 25.70
CA ASN B 35 9.81 -15.91 25.96
C ASN B 35 8.66 -14.89 25.78
N PRO B 36 7.41 -15.31 26.02
CA PRO B 36 6.26 -14.42 25.77
C PRO B 36 6.11 -13.28 26.75
N LEU B 37 7.11 -13.14 27.60
CA LEU B 37 7.23 -12.03 28.54
C LEU B 37 8.53 -11.29 28.34
N GLY B 38 9.10 -11.32 27.12
CA GLY B 38 10.36 -10.64 26.83
C GLY B 38 11.57 -11.05 27.66
N GLU B 39 11.45 -12.10 28.49
CA GLU B 39 12.61 -12.68 29.19
C GLU B 39 13.46 -13.52 28.26
N VAL B 40 14.78 -13.37 28.38
CA VAL B 40 15.72 -14.24 27.68
C VAL B 40 15.96 -15.49 28.52
N THR B 41 15.43 -16.64 28.07
CA THR B 41 15.60 -17.89 28.80
C THR B 41 16.69 -18.81 28.23
N ASP B 42 17.44 -18.38 27.23
CA ASP B 42 18.49 -19.23 26.69
C ASP B 42 19.21 -18.43 25.60
N LYS B 43 20.37 -18.94 25.17
CA LYS B 43 21.19 -18.34 24.15
C LYS B 43 21.74 -19.44 23.25
N PHE B 44 21.47 -19.36 21.96
CA PHE B 44 22.16 -20.19 20.97
C PHE B 44 23.39 -19.52 20.36
N ALA B 45 23.74 -18.31 20.82
CA ALA B 45 24.93 -17.60 20.38
C ALA B 45 25.20 -16.44 21.34
N VAL B 46 26.08 -15.52 20.92
CA VAL B 46 26.75 -14.56 21.79
C VAL B 46 27.20 -13.35 20.97
N THR B 47 26.67 -12.16 21.26
CA THR B 47 27.03 -10.97 20.49
C THR B 47 27.75 -9.99 21.42
N ASP B 48 28.83 -9.40 20.87
CA ASP B 48 29.57 -8.42 21.64
C ASP B 48 28.68 -7.24 21.99
N ASN B 49 27.99 -6.69 20.99
CA ASN B 49 27.09 -5.57 21.25
C ASN B 49 26.00 -5.98 22.25
N SER B 50 25.44 -4.97 22.92
CA SER B 50 24.42 -5.19 23.95
C SER B 50 23.50 -3.95 24.01
N GLU B 51 23.05 -3.48 22.85
CA GLU B 51 22.01 -2.45 22.74
C GLU B 51 20.67 -3.02 23.15
N ILE B 52 19.93 -2.29 23.99
CA ILE B 52 18.57 -2.70 24.35
C ILE B 52 17.67 -1.51 24.64
N LEU B 53 16.73 -1.27 23.73
CA LEU B 53 15.66 -0.30 23.88
C LEU B 53 14.36 -1.03 24.16
N TYR B 54 13.37 -0.29 24.64
CA TYR B 54 12.00 -0.78 24.68
C TYR B 54 11.20 -0.13 23.56
N ARG B 55 10.34 -0.91 22.92
N ARG B 55 10.33 -0.91 22.94
CA ARG B 55 9.61 -0.38 21.82
CA ARG B 55 9.61 -0.47 21.78
C ARG B 55 8.25 -1.05 21.76
C ARG B 55 8.23 -1.08 21.80
N PRO B 56 7.22 -0.31 21.40
CA PRO B 56 5.86 -0.83 21.44
C PRO B 56 5.70 -2.07 20.58
N VAL B 57 4.93 -3.01 21.12
CA VAL B 57 4.75 -4.28 20.46
C VAL B 57 3.61 -4.27 19.45
N ASP B 58 2.68 -3.31 19.57
CA ASP B 58 1.58 -3.10 18.61
C ASP B 58 1.85 -1.83 17.81
N ASN B 59 2.57 -1.97 16.71
CA ASN B 59 2.71 -0.91 15.74
C ASN B 59 1.69 -1.05 14.62
N ALA B 60 1.50 0.06 13.95
CA ALA B 60 0.66 0.19 12.79
C ALA B 60 1.53 -0.04 11.56
N PRO B 61 1.00 -0.80 10.60
CA PRO B 61 1.75 -1.10 9.41
C PRO B 61 2.13 0.17 8.68
N PRO B 62 3.16 0.12 7.86
CA PRO B 62 3.67 1.36 7.29
C PRO B 62 2.62 2.06 6.43
N LEU B 63 2.78 3.37 6.30
CA LEU B 63 1.93 4.08 5.36
C LEU B 63 2.29 3.69 3.93
N TYR B 64 1.27 3.59 3.06
CA TYR B 64 1.52 3.30 1.66
C TYR B 64 2.44 4.35 1.04
N SER B 65 2.45 5.57 1.58
CA SER B 65 3.43 6.53 1.07
C SER B 65 4.85 6.11 1.43
N GLU B 66 5.00 5.30 2.49
CA GLU B 66 6.29 4.99 3.10
C GLU B 66 6.95 3.73 2.55
N ARG B 67 6.17 2.90 1.87
CA ARG B 67 6.61 1.65 1.29
C ARG B 67 7.39 1.88 0.01
N ALA B 68 8.25 0.94 -0.29
CA ALA B 68 8.89 0.86 -1.57
C ALA B 68 8.23 -0.20 -2.44
N ALA B 69 8.51 -0.14 -3.73
CA ALA B 69 8.07 -1.22 -4.59
C ALA B 69 8.88 -2.45 -4.26
N ILE B 70 8.25 -3.61 -4.29
CA ILE B 70 8.99 -4.87 -4.25
C ILE B 70 9.56 -5.10 -5.66
N GLU B 71 10.90 -5.01 -5.79
CA GLU B 71 11.53 -5.11 -7.10
C GLU B 71 12.78 -5.96 -7.12
N LYS B 72 13.50 -6.18 -5.94
CA LYS B 72 14.67 -7.05 -5.84
C LYS B 72 14.28 -8.42 -5.30
N PRO B 73 14.83 -9.50 -5.85
CA PRO B 73 14.49 -10.84 -5.37
C PRO B 73 14.93 -11.06 -3.93
N PHE B 74 14.25 -12.00 -3.29
CA PHE B 74 14.69 -12.52 -2.01
C PHE B 74 15.19 -13.92 -2.31
N LEU B 75 16.50 -14.07 -2.24
CA LEU B 75 17.15 -15.29 -2.63
C LEU B 75 17.06 -16.28 -1.47
N THR B 76 16.60 -17.50 -1.79
CA THR B 76 16.31 -18.50 -0.78
C THR B 76 17.22 -19.72 -0.82
N GLY B 77 18.13 -19.80 -1.78
CA GLY B 77 18.95 -20.99 -1.84
C GLY B 77 18.18 -22.28 -2.07
N ILE B 78 16.94 -22.19 -2.49
CA ILE B 78 16.14 -23.37 -2.77
C ILE B 78 15.73 -23.33 -4.22
N LYS B 79 16.11 -24.36 -4.98
CA LYS B 79 16.01 -24.31 -6.43
C LYS B 79 14.58 -24.08 -6.89
N VAL B 80 13.66 -24.90 -6.38
CA VAL B 80 12.28 -24.80 -6.88
C VAL B 80 11.58 -23.46 -6.62
N ILE B 81 12.00 -22.67 -5.63
CA ILE B 81 11.36 -21.37 -5.41
C ILE B 81 12.18 -20.25 -6.03
N ASP B 82 13.52 -20.32 -5.94
CA ASP B 82 14.32 -19.32 -6.63
C ASP B 82 14.05 -19.35 -8.13
N SER B 83 13.73 -20.51 -8.66
CA SER B 83 13.49 -20.58 -10.09
C SER B 83 12.05 -20.16 -10.43
N LEU B 84 11.05 -20.94 -10.00
CA LEU B 84 9.63 -20.74 -10.33
C LEU B 84 8.88 -19.74 -9.45
N LEU B 85 9.19 -19.72 -8.15
CA LEU B 85 8.37 -19.02 -7.16
C LEU B 85 9.16 -17.91 -6.53
N THR B 86 9.91 -17.19 -7.34
CA THR B 86 10.90 -16.28 -6.78
C THR B 86 10.24 -15.36 -5.76
N CYS B 87 10.96 -15.12 -4.68
CA CYS B 87 10.45 -14.25 -3.61
C CYS B 87 11.05 -12.87 -3.77
N GLY B 88 10.28 -11.87 -3.36
CA GLY B 88 10.74 -10.49 -3.36
C GLY B 88 11.20 -10.04 -1.98
N GLU B 89 12.28 -9.28 -1.96
CA GLU B 89 12.67 -8.59 -0.74
C GLU B 89 11.55 -7.64 -0.34
N GLY B 90 10.88 -7.93 0.79
CA GLY B 90 9.73 -7.21 1.30
C GLY B 90 8.44 -7.97 1.15
N GLN B 91 8.51 -9.09 0.46
CA GLN B 91 7.35 -9.93 0.22
C GLN B 91 6.86 -10.60 1.51
N ARG B 92 5.58 -10.88 1.55
CA ARG B 92 5.01 -11.76 2.56
C ARG B 92 4.49 -13.03 1.87
N GLY B 94 3.10 -17.16 2.25
CA GLY B 94 2.48 -18.17 3.10
C GLY B 94 3.08 -19.53 2.80
N ILE B 95 3.06 -20.42 3.81
CA ILE B 95 3.53 -21.80 3.68
C ILE B 95 2.44 -22.73 4.17
N PHE B 96 1.83 -23.49 3.24
CA PHE B 96 0.61 -24.28 3.46
C PHE B 96 0.98 -25.76 3.39
N ALA B 97 0.65 -26.50 4.44
CA ALA B 97 1.06 -27.89 4.55
C ALA B 97 0.23 -28.56 5.62
N SER B 98 -0.18 -29.81 5.34
CA SER B 98 -0.78 -30.65 6.36
C SER B 98 0.28 -31.12 7.35
N ALA B 99 -0.09 -31.94 8.31
CA ALA B 99 0.85 -32.28 9.38
C ALA B 99 2.07 -33.03 8.85
N GLY B 100 3.23 -32.69 9.41
CA GLY B 100 4.47 -33.36 9.08
C GLY B 100 4.78 -33.52 7.61
N CYS B 101 4.49 -32.52 6.79
CA CYS B 101 4.80 -32.63 5.37
C CYS B 101 6.00 -31.80 4.94
N GLY B 102 6.72 -31.21 5.88
CA GLY B 102 7.94 -30.47 5.59
C GLY B 102 7.89 -29.04 5.94
N LYS B 103 6.90 -28.65 6.75
CA LYS B 103 6.68 -27.26 7.18
C LYS B 103 7.91 -26.70 7.88
N THR B 104 8.34 -27.35 8.96
CA THR B 104 9.41 -26.83 9.81
C THR B 104 10.75 -26.89 9.08
N PHE B 105 11.00 -27.99 8.36
CA PHE B 105 12.26 -28.17 7.65
C PHE B 105 12.48 -27.10 6.62
N LEU B 106 11.42 -26.78 5.88
CA LEU B 106 11.43 -25.63 4.99
C LEU B 106 11.90 -24.37 5.69
N ASN B 108 13.48 -24.13 8.06
CA ASN B 108 14.87 -24.41 8.45
C ASN B 108 15.83 -24.22 7.29
N LEU B 110 15.13 -22.31 4.70
CA LEU B 110 15.06 -20.90 4.34
C LEU B 110 15.99 -20.07 5.20
N ILE B 111 16.07 -20.38 6.49
CA ILE B 111 17.03 -19.69 7.34
C ILE B 111 18.45 -19.96 6.87
N GLU B 112 18.68 -21.16 6.37
CA GLU B 112 20.06 -21.57 6.18
C GLU B 112 20.64 -20.96 4.93
N HIS B 113 19.89 -21.08 3.83
CA HIS B 113 20.37 -20.89 2.47
C HIS B 113 19.94 -19.57 1.84
N SER B 114 19.25 -18.70 2.59
CA SER B 114 18.87 -17.38 2.14
C SER B 114 20.03 -16.45 2.48
N GLY B 115 19.86 -15.14 2.31
CA GLY B 115 20.95 -14.24 2.66
C GLY B 115 20.59 -12.98 3.39
N ALA B 116 19.71 -13.08 4.37
CA ALA B 116 19.23 -11.88 5.01
C ALA B 116 20.21 -11.38 6.08
N ASP B 117 20.27 -10.06 6.24
CA ASP B 117 20.96 -9.43 7.36
C ASP B 117 20.63 -10.09 8.70
N ILE B 118 19.35 -10.41 8.94
CA ILE B 118 18.85 -10.79 10.27
C ILE B 118 17.64 -11.67 10.11
N TYR B 119 17.59 -12.74 10.90
CA TYR B 119 16.43 -13.62 11.00
C TYR B 119 15.75 -13.50 12.36
N VAL B 120 14.42 -13.49 12.33
CA VAL B 120 13.59 -13.49 13.52
C VAL B 120 12.56 -14.59 13.38
N ILE B 121 12.58 -15.52 14.35
CA ILE B 121 11.74 -16.71 14.32
C ILE B 121 10.76 -16.62 15.47
N GLY B 122 9.49 -16.75 15.16
CA GLY B 122 8.44 -16.76 16.16
C GLY B 122 7.71 -18.09 16.15
N LEU B 123 7.93 -18.95 17.16
CA LEU B 123 7.32 -20.27 17.25
C LEU B 123 6.09 -20.15 18.13
N ILE B 124 4.93 -20.39 17.56
CA ILE B 124 3.69 -20.03 18.23
C ILE B 124 3.03 -21.32 18.67
N GLY B 125 2.93 -21.49 19.98
CA GLY B 125 2.11 -22.56 20.49
C GLY B 125 2.67 -23.95 20.33
N GLU B 126 3.99 -24.09 20.20
CA GLU B 126 4.58 -25.41 19.95
C GLU B 126 4.94 -26.12 21.26
N ARG B 127 4.87 -27.46 21.21
CA ARG B 127 5.53 -28.30 22.20
C ARG B 127 6.93 -27.78 22.52
N GLY B 128 7.40 -28.04 23.74
CA GLY B 128 8.73 -27.60 24.11
C GLY B 128 9.80 -28.39 23.41
N ARG B 129 9.45 -29.59 22.90
CA ARG B 129 10.35 -30.37 22.06
C ARG B 129 10.58 -29.69 20.73
N GLU B 130 9.49 -29.26 20.10
CA GLU B 130 9.59 -28.47 18.89
C GLU B 130 10.46 -27.23 19.11
N VAL B 131 10.30 -26.56 20.26
CA VAL B 131 11.14 -25.39 20.52
C VAL B 131 12.59 -25.80 20.66
N THR B 132 12.83 -26.92 21.35
CA THR B 132 14.21 -27.36 21.56
C THR B 132 14.87 -27.79 20.25
N GLU B 133 14.11 -28.49 19.38
CA GLU B 133 14.56 -28.76 18.04
C GLU B 133 15.15 -27.50 17.41
N THR B 134 14.35 -26.46 17.34
CA THR B 134 14.80 -25.21 16.72
C THR B 134 16.00 -24.63 17.46
N VAL B 135 16.05 -24.76 18.79
CA VAL B 135 17.16 -24.12 19.47
C VAL B 135 18.42 -24.93 19.23
N ASP B 136 18.28 -26.22 18.97
CA ASP B 136 19.46 -27.01 18.62
C ASP B 136 19.88 -26.69 17.21
N TYR B 137 18.90 -26.58 16.28
CA TYR B 137 19.20 -26.15 14.92
C TYR B 137 20.05 -24.90 14.92
N LEU B 138 19.54 -23.82 15.53
CA LEU B 138 20.25 -22.55 15.55
C LEU B 138 21.58 -22.65 16.27
N LYS B 139 21.77 -23.64 17.14
CA LYS B 139 23.05 -23.66 17.86
C LYS B 139 24.18 -24.09 16.96
N ASN B 140 23.83 -24.77 15.84
CA ASN B 140 24.76 -25.32 14.83
C ASN B 140 24.48 -24.79 13.42
N SER B 141 24.05 -23.55 13.32
CA SER B 141 23.84 -22.87 12.05
C SER B 141 24.86 -21.73 11.94
N GLU B 142 25.33 -21.51 10.70
CA GLU B 142 26.24 -20.39 10.44
C GLU B 142 25.54 -19.07 10.69
N LYS B 143 24.21 -19.08 10.66
CA LYS B 143 23.41 -17.88 10.81
C LYS B 143 23.20 -17.47 12.28
N LYS B 144 23.85 -18.15 13.22
CA LYS B 144 23.45 -18.05 14.62
C LYS B 144 23.61 -16.64 15.16
N SER B 145 24.65 -15.90 14.74
CA SER B 145 24.88 -14.57 15.29
C SER B 145 23.87 -13.56 14.79
N ARG B 146 23.06 -13.94 13.80
CA ARG B 146 22.11 -13.07 13.13
C ARG B 146 20.65 -13.43 13.39
N CYS B 147 20.37 -14.28 14.39
CA CYS B 147 19.02 -14.78 14.63
C CYS B 147 18.48 -14.32 15.98
N VAL B 148 17.16 -14.26 16.08
CA VAL B 148 16.47 -14.10 17.36
C VAL B 148 15.28 -15.04 17.34
N LEU B 149 15.05 -15.70 18.48
CA LEU B 149 14.01 -16.73 18.58
C LEU B 149 13.08 -16.32 19.70
N VAL B 150 11.83 -16.16 19.35
CA VAL B 150 10.74 -15.81 20.25
C VAL B 150 9.85 -17.01 20.28
N TYR B 151 9.48 -17.47 21.45
CA TYR B 151 8.71 -18.69 21.53
C TYR B 151 7.58 -18.49 22.53
N ALA B 152 6.52 -19.26 22.34
CA ALA B 152 5.47 -19.42 23.34
C ALA B 152 4.99 -20.87 23.25
N THR B 153 5.51 -21.72 24.14
CA THR B 153 5.17 -23.14 24.11
C THR B 153 3.72 -23.35 24.51
N SER B 154 3.25 -24.58 24.31
CA SER B 154 1.82 -24.85 24.37
C SER B 154 1.29 -24.86 25.78
N ASP B 155 2.12 -24.76 26.79
CA ASP B 155 1.59 -24.52 28.12
C ASP B 155 1.24 -23.06 28.36
N TYR B 156 1.64 -22.12 27.50
CA TYR B 156 1.33 -20.73 27.75
C TYR B 156 -0.12 -20.44 27.42
N SER B 157 -0.62 -19.37 28.03
CA SER B 157 -1.99 -18.93 27.84
C SER B 157 -2.26 -18.64 26.37
N SER B 158 -3.53 -18.37 26.05
CA SER B 158 -3.87 -17.86 24.73
C SER B 158 -3.51 -16.39 24.54
N VAL B 159 -3.29 -15.64 25.63
CA VAL B 159 -2.77 -14.29 25.48
C VAL B 159 -1.32 -14.33 25.09
N ASP B 160 -0.52 -15.08 25.83
CA ASP B 160 0.91 -15.06 25.63
C ASP B 160 1.31 -15.63 24.29
N ARG B 161 0.46 -16.42 23.68
CA ARG B 161 0.77 -16.91 22.35
C ARG B 161 0.57 -15.80 21.35
N CYS B 162 -0.50 -15.02 21.52
CA CYS B 162 -0.70 -13.85 20.65
C CYS B 162 0.50 -12.92 20.72
N ASN B 163 1.03 -12.71 21.92
CA ASN B 163 2.02 -11.66 22.08
C ASN B 163 3.33 -12.09 21.48
N ALA B 164 3.62 -13.38 21.57
CA ALA B 164 4.83 -13.92 20.92
C ALA B 164 4.93 -13.44 19.48
N ALA B 165 3.84 -13.60 18.71
CA ALA B 165 3.82 -13.06 17.36
C ALA B 165 4.19 -11.59 17.32
N TYR B 166 3.62 -10.78 18.22
CA TYR B 166 3.87 -9.33 18.16
C TYR B 166 5.30 -9.03 18.57
N ILE B 167 5.81 -9.72 19.57
CA ILE B 167 7.19 -9.47 20.00
C ILE B 167 8.14 -9.83 18.88
N ALA B 168 7.80 -10.89 18.15
CA ALA B 168 8.60 -11.30 17.00
C ALA B 168 8.61 -10.21 15.96
N THR B 169 7.42 -9.70 15.62
CA THR B 169 7.31 -8.64 14.61
C THR B 169 8.00 -7.35 15.05
N ALA B 170 7.59 -6.79 16.19
CA ALA B 170 8.25 -5.62 16.77
C ALA B 170 9.76 -5.71 16.65
N ILE B 171 10.33 -6.88 16.95
CA ILE B 171 11.78 -6.98 16.85
C ILE B 171 12.18 -6.79 15.42
N ALA B 172 11.59 -7.56 14.51
CA ALA B 172 11.94 -7.39 13.10
C ALA B 172 11.82 -5.93 12.70
N GLU B 173 10.75 -5.28 13.15
CA GLU B 173 10.47 -3.92 12.73
C GLU B 173 11.58 -2.99 13.14
N PHE B 174 12.16 -3.23 14.31
CA PHE B 174 13.22 -2.35 14.78
C PHE B 174 14.45 -2.48 13.90
N PHE B 175 14.78 -3.69 13.49
CA PHE B 175 15.93 -3.84 12.59
C PHE B 175 15.64 -3.24 11.22
N ARG B 176 14.38 -3.33 10.78
CA ARG B 176 14.04 -2.73 9.50
C ARG B 176 14.26 -1.21 9.54
N THR B 177 13.93 -0.55 10.66
CA THR B 177 14.19 0.89 10.71
C THR B 177 15.68 1.18 10.65
N GLU B 178 16.51 0.29 11.15
CA GLU B 178 17.96 0.47 11.13
C GLU B 178 18.59 0.05 9.82
N GLY B 179 17.79 -0.24 8.79
CA GLY B 179 18.30 -0.43 7.45
C GLY B 179 18.45 -1.86 6.98
N HIS B 180 18.13 -2.84 7.82
CA HIS B 180 18.54 -4.21 7.54
C HIS B 180 17.52 -4.89 6.65
N LYS B 181 18.00 -5.90 5.94
CA LYS B 181 17.13 -6.86 5.28
C LYS B 181 16.74 -7.98 6.28
N VAL B 182 15.57 -7.86 6.90
CA VAL B 182 15.12 -8.84 7.87
C VAL B 182 14.31 -9.93 7.18
N ALA B 183 14.39 -11.15 7.72
CA ALA B 183 13.48 -12.25 7.43
C ALA B 183 12.74 -12.65 8.71
N LEU B 184 11.41 -12.62 8.67
CA LEU B 184 10.50 -12.93 9.79
C LEU B 184 9.81 -14.24 9.47
N PHE B 185 9.90 -15.19 10.41
CA PHE B 185 9.23 -16.48 10.30
C PHE B 185 8.28 -16.59 11.47
N ILE B 186 7.04 -16.96 11.18
CA ILE B 186 5.99 -17.17 12.17
C ILE B 186 5.51 -18.61 11.96
N ASP B 187 5.90 -19.46 12.91
CA ASP B 187 5.55 -20.86 12.93
C ASP B 187 4.13 -21.14 13.47
N SER B 188 3.18 -20.97 12.57
CA SER B 188 1.78 -21.26 12.75
C SER B 188 1.03 -19.97 13.01
N LEU B 189 0.59 -19.34 11.92
CA LEU B 189 -0.59 -18.49 11.98
C LEU B 189 -1.82 -19.27 12.48
N THR B 190 -1.98 -20.55 12.16
CA THR B 190 -3.18 -21.21 12.65
C THR B 190 -3.21 -21.23 14.18
N ARG B 191 -2.05 -21.23 14.80
CA ARG B 191 -2.05 -21.23 16.25
C ARG B 191 -2.28 -19.84 16.78
N TYR B 192 -1.78 -18.85 16.04
CA TYR B 192 -2.03 -17.46 16.39
C TYR B 192 -3.53 -17.16 16.27
N ALA B 193 -4.12 -17.53 15.13
CA ALA B 193 -5.53 -17.28 14.90
C ALA B 193 -6.40 -18.05 15.89
N ARG B 194 -5.98 -19.25 16.28
CA ARG B 194 -6.71 -19.99 17.30
C ARG B 194 -6.47 -19.41 18.67
N ALA B 195 -5.30 -18.84 18.90
CA ALA B 195 -5.05 -18.18 20.17
C ALA B 195 -5.88 -16.91 20.25
N LEU B 196 -5.99 -16.21 19.12
CA LEU B 196 -6.82 -15.00 19.02
C LEU B 196 -8.30 -15.31 19.31
N ARG B 197 -8.89 -16.27 18.57
CA ARG B 197 -10.30 -16.59 18.78
C ARG B 197 -10.59 -17.10 20.19
N ASP B 198 -9.56 -17.45 20.95
CA ASP B 198 -9.74 -17.84 22.34
C ASP B 198 -9.70 -16.66 23.29
N VAL B 199 -9.10 -15.55 22.87
CA VAL B 199 -9.28 -14.30 23.58
C VAL B 199 -10.61 -13.70 23.23
N ALA B 200 -11.13 -14.06 22.07
CA ALA B 200 -12.44 -13.56 21.64
C ALA B 200 -13.54 -14.35 22.33
N LEU B 201 -13.65 -15.64 22.01
CA LEU B 201 -14.76 -16.46 22.51
C LEU B 201 -14.98 -16.33 24.02
N ALA B 202 -13.94 -15.97 24.77
CA ALA B 202 -14.06 -15.87 26.23
C ALA B 202 -14.30 -14.43 26.72
N ALA B 203 -13.97 -13.41 25.91
CA ALA B 203 -14.08 -12.02 26.32
C ALA B 203 -15.45 -11.40 26.05
N GLY B 204 -16.26 -12.03 25.19
CA GLY B 204 -17.58 -11.53 24.90
C GLY B 204 -18.00 -11.53 23.44
N GLU B 205 -17.10 -11.88 22.53
CA GLU B 205 -17.46 -12.01 21.13
C GLU B 205 -18.15 -13.36 20.91
N SER B 206 -19.00 -13.44 19.87
CA SER B 206 -19.79 -14.64 19.65
C SER B 206 -19.24 -15.46 18.48
N PRO B 207 -19.50 -16.77 18.42
CA PRO B 207 -18.90 -17.64 17.38
C PRO B 207 -19.39 -17.32 15.97
N ALA B 208 -18.46 -16.88 15.13
CA ALA B 208 -18.72 -16.48 13.76
C ALA B 208 -17.78 -17.22 12.84
N ARG B 209 -18.22 -17.44 11.59
CA ARG B 209 -17.36 -17.94 10.52
C ARG B 209 -16.52 -19.16 10.93
N ARG B 210 -17.14 -20.35 11.01
CA ARG B 210 -16.44 -21.60 11.38
C ARG B 210 -15.97 -21.61 12.83
N GLY B 211 -16.48 -20.70 13.68
CA GLY B 211 -16.00 -20.57 15.03
C GLY B 211 -14.84 -19.62 15.23
N TYR B 212 -14.50 -18.83 14.22
CA TYR B 212 -13.55 -17.74 14.39
C TYR B 212 -14.34 -16.42 14.47
N PRO B 213 -14.58 -15.86 15.66
CA PRO B 213 -15.17 -14.52 15.75
C PRO B 213 -14.66 -13.52 14.72
N VAL B 214 -15.57 -12.75 14.11
CA VAL B 214 -15.20 -11.70 13.17
C VAL B 214 -13.98 -10.90 13.67
N SER B 215 -13.86 -10.73 14.99
CA SER B 215 -12.76 -9.91 15.51
C SER B 215 -11.39 -10.51 15.19
N VAL B 216 -11.32 -11.83 15.02
CA VAL B 216 -10.10 -12.52 14.58
C VAL B 216 -9.71 -12.04 13.19
N PHE B 217 -10.47 -12.49 12.18
CA PHE B 217 -10.18 -12.18 10.78
C PHE B 217 -9.94 -10.69 10.52
N ASP B 218 -10.70 -9.82 11.17
CA ASP B 218 -10.49 -8.37 11.02
C ASP B 218 -9.19 -7.92 11.66
N SER B 219 -8.61 -8.74 12.52
CA SER B 219 -7.37 -8.40 13.21
C SER B 219 -6.13 -8.88 12.47
N LEU B 220 -6.27 -9.86 11.60
CA LEU B 220 -5.10 -10.43 10.93
C LEU B 220 -4.40 -9.42 10.05
N PRO B 221 -5.09 -8.74 9.14
CA PRO B 221 -4.38 -7.83 8.25
C PRO B 221 -3.48 -6.85 9.00
N ARG B 222 -3.89 -6.32 10.15
CA ARG B 222 -3.03 -5.34 10.80
C ARG B 222 -1.66 -5.96 11.08
N LEU B 223 -1.62 -7.24 11.49
CA LEU B 223 -0.36 -7.91 11.78
C LEU B 223 0.37 -8.30 10.50
N LEU B 224 -0.33 -8.84 9.54
CA LEU B 224 0.30 -9.26 8.29
C LEU B 224 0.66 -8.14 7.32
N GLU B 225 0.30 -6.89 7.57
CA GLU B 225 0.75 -5.81 6.71
C GLU B 225 1.95 -5.09 7.29
N ARG B 226 2.46 -5.55 8.43
CA ARG B 226 3.58 -4.83 9.01
C ARG B 226 4.89 -5.10 8.29
N PRO B 227 5.13 -6.30 7.78
CA PRO B 227 6.31 -6.49 6.95
C PRO B 227 6.23 -5.69 5.67
N GLY B 228 7.37 -5.60 5.01
CA GLY B 228 7.48 -4.85 3.77
C GLY B 228 8.78 -4.10 3.64
N LYS B 229 9.05 -3.63 2.42
CA LYS B 229 10.21 -2.78 2.16
C LYS B 229 9.81 -1.31 2.35
N LEU B 230 10.80 -0.50 2.75
CA LEU B 230 10.63 0.92 3.04
C LEU B 230 11.47 1.77 2.10
N LYS B 231 10.83 2.79 1.50
CA LYS B 231 11.55 3.84 0.77
C LYS B 231 12.71 4.42 1.55
N ALA B 232 12.63 4.44 2.88
CA ALA B 232 13.72 4.94 3.70
C ALA B 232 14.76 3.85 4.02
N GLY B 233 14.86 2.82 3.19
CA GLY B 233 15.70 1.68 3.48
C GLY B 233 15.18 0.70 4.52
N GLY B 234 15.56 -0.55 4.35
CA GLY B 234 15.13 -1.59 5.26
C GLY B 234 13.93 -2.35 4.72
N SER B 235 13.92 -3.66 4.97
CA SER B 235 12.78 -4.50 4.62
C SER B 235 12.59 -5.56 5.68
N ILE B 236 11.37 -6.09 5.71
CA ILE B 236 11.04 -7.36 6.32
C ILE B 236 10.38 -8.22 5.25
N THR B 237 11.10 -9.21 4.77
CA THR B 237 10.46 -10.33 4.09
C THR B 237 9.98 -11.36 5.12
N ALA B 238 8.79 -11.92 4.91
CA ALA B 238 8.07 -12.61 5.99
C ALA B 238 7.53 -13.93 5.51
N PHE B 239 7.74 -14.98 6.31
CA PHE B 239 7.22 -16.31 6.00
C PHE B 239 6.25 -16.75 7.09
N TYR B 240 5.03 -17.04 6.69
CA TYR B 240 4.03 -17.50 7.64
C TYR B 240 3.71 -18.94 7.30
N THR B 241 3.41 -19.69 8.33
CA THR B 241 3.05 -21.10 8.23
C THR B 241 1.57 -21.24 8.54
N VAL B 242 0.90 -22.16 7.84
CA VAL B 242 -0.54 -22.39 7.99
C VAL B 242 -0.81 -23.87 7.80
N LEU B 243 -1.43 -24.49 8.80
CA LEU B 243 -1.74 -25.92 8.80
C LEU B 243 -3.03 -26.18 8.03
N LEU B 244 -3.08 -27.35 7.38
CA LEU B 244 -4.26 -27.80 6.66
C LEU B 244 -4.73 -29.19 7.17
N GLU B 245 -6.01 -29.49 6.89
CA GLU B 245 -6.59 -30.80 7.16
C GLU B 245 -7.07 -31.48 5.86
N ALA B 250 -12.46 -27.59 3.53
CA ALA B 250 -12.45 -26.14 3.29
C ALA B 250 -12.20 -25.34 4.57
N ASP B 251 -11.15 -24.50 4.52
CA ASP B 251 -10.56 -23.81 5.69
C ASP B 251 -10.67 -22.31 5.52
N PRO B 252 -11.47 -21.60 6.31
CA PRO B 252 -11.57 -20.14 6.15
C PRO B 252 -10.31 -19.41 6.58
N LEU B 253 -9.35 -20.10 7.21
CA LEU B 253 -8.12 -19.44 7.59
C LEU B 253 -7.04 -19.56 6.52
N ALA B 254 -6.98 -20.66 5.78
CA ALA B 254 -6.15 -20.65 4.57
C ALA B 254 -6.70 -19.64 3.58
N GLU B 255 -8.01 -19.56 3.42
CA GLU B 255 -8.59 -18.63 2.46
C GLU B 255 -8.19 -17.21 2.78
N GLU B 256 -8.54 -16.73 3.98
CA GLU B 256 -8.24 -15.35 4.36
C GLU B 256 -6.75 -15.08 4.21
N VAL B 257 -5.93 -16.01 4.65
CA VAL B 257 -4.50 -15.81 4.58
C VAL B 257 -4.03 -15.81 3.15
N ARG B 258 -4.60 -16.67 2.30
CA ARG B 258 -4.13 -16.75 0.92
C ARG B 258 -4.35 -15.41 0.21
N SER B 259 -5.41 -14.70 0.58
CA SER B 259 -5.74 -13.47 -0.13
C SER B 259 -5.02 -12.26 0.43
N ILE B 260 -4.66 -12.27 1.71
CA ILE B 260 -3.90 -11.16 2.29
C ILE B 260 -2.44 -11.19 1.82
N LEU B 261 -1.89 -12.37 1.61
CA LEU B 261 -0.47 -12.51 1.39
C LEU B 261 -0.12 -12.26 -0.08
N ASP B 262 1.17 -12.34 -0.34
CA ASP B 262 1.74 -12.10 -1.66
C ASP B 262 2.09 -13.41 -2.33
N GLY B 263 1.30 -14.44 -2.06
CA GLY B 263 1.57 -15.74 -2.61
C GLY B 263 1.72 -16.79 -1.53
N HIS B 264 1.93 -18.01 -1.99
CA HIS B 264 1.90 -19.16 -1.12
C HIS B 264 2.68 -20.28 -1.76
N ILE B 265 3.21 -21.13 -0.90
CA ILE B 265 3.92 -22.34 -1.23
C ILE B 265 3.11 -23.46 -0.59
N TYR B 266 2.51 -24.31 -1.41
CA TYR B 266 1.82 -25.45 -0.89
C TYR B 266 2.77 -26.66 -0.92
N LEU B 267 2.86 -27.40 0.21
CA LEU B 267 3.62 -28.65 0.35
C LEU B 267 2.72 -29.85 0.18
N SER B 268 3.15 -30.81 -0.63
CA SER B 268 2.27 -31.88 -1.13
C SER B 268 2.54 -33.18 -0.40
N ARG B 269 1.47 -33.75 0.15
CA ARG B 269 1.49 -35.10 0.70
C ARG B 269 1.99 -36.12 -0.32
N ASN B 270 1.50 -36.04 -1.56
CA ASN B 270 1.92 -37.04 -2.54
C ASN B 270 3.43 -36.93 -2.81
N LEU B 271 3.95 -35.71 -2.98
CA LEU B 271 5.38 -35.53 -3.20
C LEU B 271 6.21 -35.87 -1.97
N ALA B 272 5.57 -36.15 -0.84
CA ALA B 272 6.28 -36.29 0.42
C ALA B 272 6.34 -37.72 0.91
N GLN B 273 5.31 -38.52 0.66
CA GLN B 273 5.41 -39.96 0.87
C GLN B 273 6.46 -40.57 -0.07
N LYS B 274 6.41 -40.20 -1.35
CA LYS B 274 7.60 -40.22 -2.19
C LYS B 274 8.68 -39.31 -1.57
N GLY B 275 9.95 -39.63 -1.85
CA GLY B 275 10.98 -38.91 -1.11
C GLY B 275 11.30 -37.53 -1.62
N GLN B 276 10.39 -36.96 -2.42
CA GLN B 276 10.61 -35.75 -3.23
C GLN B 276 10.65 -34.52 -2.33
N PHE B 277 11.82 -34.26 -1.74
CA PHE B 277 12.01 -33.16 -0.82
C PHE B 277 12.87 -32.06 -1.40
N PRO B 278 12.47 -30.79 -1.20
CA PRO B 278 11.32 -30.33 -0.43
C PRO B 278 10.02 -30.52 -1.17
N ALA B 279 8.95 -30.88 -0.46
CA ALA B 279 7.71 -31.39 -1.04
C ALA B 279 6.77 -30.31 -1.62
N ILE B 280 7.33 -29.42 -2.44
CA ILE B 280 6.67 -28.23 -2.96
C ILE B 280 5.94 -28.56 -4.26
N ASP B 281 4.60 -28.48 -4.26
CA ASP B 281 3.83 -28.65 -5.49
C ASP B 281 3.88 -27.35 -6.27
N SER B 282 4.76 -27.27 -7.26
CA SER B 282 4.94 -26.03 -8.01
C SER B 282 3.68 -25.57 -8.76
N LEU B 283 2.76 -26.47 -9.09
CA LEU B 283 1.56 -26.02 -9.78
C LEU B 283 0.50 -25.48 -8.83
N LYS B 284 0.64 -25.76 -7.53
CA LYS B 284 -0.26 -25.23 -6.51
C LYS B 284 0.37 -24.08 -5.71
N SER B 285 1.61 -23.70 -6.02
CA SER B 285 2.30 -22.59 -5.38
C SER B 285 2.38 -21.42 -6.33
N ILE B 286 2.64 -20.23 -5.77
CA ILE B 286 2.84 -19.05 -6.57
C ILE B 286 3.55 -17.99 -5.76
N SER B 287 4.34 -17.18 -6.44
CA SER B 287 4.71 -15.86 -5.95
C SER B 287 4.01 -14.82 -6.82
N ARG B 288 3.29 -13.90 -6.19
CA ARG B 288 2.57 -12.85 -6.90
C ARG B 288 3.44 -11.64 -7.23
N VAL B 289 4.73 -11.64 -6.86
CA VAL B 289 5.64 -10.62 -7.32
C VAL B 289 6.63 -11.18 -8.33
N PHE B 290 6.43 -12.43 -8.77
CA PHE B 290 7.47 -13.12 -9.54
C PHE B 290 7.91 -12.32 -10.73
N THR B 291 6.95 -11.74 -11.44
CA THR B 291 7.20 -10.91 -12.61
C THR B 291 8.22 -9.82 -12.33
N GLN B 292 8.00 -9.03 -11.27
CA GLN B 292 8.82 -7.84 -11.11
C GLN B 292 10.15 -8.07 -10.43
N VAL B 293 10.40 -9.26 -9.86
CA VAL B 293 11.71 -9.53 -9.25
C VAL B 293 12.69 -10.26 -10.17
N VAL B 294 12.20 -10.98 -11.24
CA VAL B 294 13.09 -11.72 -12.15
C VAL B 294 13.44 -10.88 -13.38
N ASP B 295 14.68 -11.03 -13.86
CA ASP B 295 15.05 -10.25 -15.02
C ASP B 295 14.40 -10.86 -16.26
N GLU B 296 14.57 -10.13 -17.38
CA GLU B 296 13.82 -10.30 -18.62
C GLU B 296 13.85 -11.74 -19.17
N LYS B 297 14.96 -12.47 -18.94
CA LYS B 297 15.16 -13.81 -19.50
C LYS B 297 14.71 -14.93 -18.57
N HIS B 298 15.05 -14.79 -17.27
CA HIS B 298 14.52 -15.68 -16.24
C HIS B 298 13.02 -15.87 -16.44
N ARG B 299 12.32 -14.73 -16.64
CA ARG B 299 10.88 -14.74 -16.88
C ARG B 299 10.50 -15.83 -17.87
N ILE B 300 11.34 -16.04 -18.89
CA ILE B 300 11.04 -16.93 -20.01
C ILE B 300 11.35 -18.39 -19.68
N ALA B 302 11.54 -19.93 -16.76
CA ALA B 302 10.55 -20.39 -15.80
C ALA B 302 9.27 -20.79 -16.53
N ALA B 303 8.68 -19.84 -17.26
CA ALA B 303 7.52 -20.11 -18.11
C ALA B 303 7.71 -21.38 -18.90
N ALA B 304 8.95 -21.60 -19.34
CA ALA B 304 9.28 -22.76 -20.16
C ALA B 304 9.30 -24.03 -19.32
N PHE B 305 10.00 -24.00 -18.18
CA PHE B 305 10.05 -25.17 -17.31
C PHE B 305 8.67 -25.57 -16.81
N ARG B 306 7.81 -24.58 -16.49
CA ARG B 306 6.44 -24.88 -16.13
C ARG B 306 5.75 -25.67 -17.23
N GLU B 307 6.03 -25.33 -18.50
CA GLU B 307 5.42 -26.00 -19.64
C GLU B 307 5.88 -27.44 -19.76
N LEU B 308 7.04 -27.77 -19.20
CA LEU B 308 7.54 -29.13 -19.23
C LEU B 308 6.86 -30.03 -18.19
N LEU B 309 6.62 -29.52 -16.97
CA LEU B 309 5.89 -30.29 -15.96
C LEU B 309 4.42 -30.41 -16.32
N SER B 310 3.83 -29.38 -16.93
CA SER B 310 2.42 -29.45 -17.29
C SER B 310 2.13 -30.51 -18.34
N GLU B 311 3.16 -31.19 -18.82
CA GLU B 311 3.05 -32.34 -19.72
C GLU B 311 3.31 -33.68 -19.04
N ILE B 312 4.27 -33.73 -18.13
CA ILE B 312 4.58 -34.97 -17.42
C ILE B 312 3.46 -35.33 -16.45
N GLU B 313 2.77 -34.34 -15.87
CA GLU B 313 1.63 -34.66 -14.99
C GLU B 313 0.49 -35.29 -15.77
N GLU B 314 0.50 -35.13 -17.09
CA GLU B 314 -0.50 -35.75 -17.96
C GLU B 314 -0.15 -37.22 -18.22
N LEU B 315 0.99 -37.45 -18.89
CA LEU B 315 1.37 -38.81 -19.28
C LEU B 315 1.66 -39.69 -18.07
N ARG B 316 1.98 -39.10 -16.91
CA ARG B 316 2.15 -39.85 -15.68
C ARG B 316 0.86 -40.54 -15.24
N THR B 317 -0.28 -40.26 -15.90
CA THR B 317 -1.52 -41.01 -15.71
C THR B 317 -1.41 -42.36 -16.42
N ILE B 318 -1.06 -43.41 -15.65
CA ILE B 318 -0.96 -44.83 -16.04
C ILE B 318 -0.04 -45.50 -15.04
N LYS B 334 11.35 -39.63 -24.87
CA LYS B 334 11.57 -38.20 -25.07
C LYS B 334 11.35 -37.37 -23.82
N ILE B 335 10.11 -36.89 -23.70
CA ILE B 335 9.66 -36.15 -22.53
C ILE B 335 10.01 -36.94 -21.28
N TYR B 336 10.39 -38.21 -21.46
CA TYR B 336 10.79 -39.09 -20.37
C TYR B 336 12.26 -38.94 -19.98
N ASN B 337 13.15 -38.65 -20.94
CA ASN B 337 14.53 -38.31 -20.57
C ASN B 337 14.53 -37.06 -19.70
N LYS B 338 13.63 -36.12 -20.00
CA LYS B 338 13.53 -34.94 -19.14
C LYS B 338 12.92 -35.28 -17.76
N ILE B 339 11.97 -36.23 -17.65
CA ILE B 339 11.35 -36.61 -16.37
C ILE B 339 12.38 -36.74 -15.26
N SER B 340 13.44 -37.48 -15.54
CA SER B 340 14.47 -37.75 -14.53
C SER B 340 15.30 -36.49 -14.24
N VAL B 341 15.73 -35.77 -15.28
CA VAL B 341 16.61 -34.61 -15.06
C VAL B 341 15.93 -33.58 -14.14
N VAL B 342 14.60 -33.43 -14.24
CA VAL B 342 13.88 -32.41 -13.46
C VAL B 342 13.59 -32.90 -12.04
N GLU B 343 13.15 -34.15 -11.88
CA GLU B 343 13.09 -34.68 -10.52
C GLU B 343 14.45 -34.65 -9.83
N SER B 344 15.53 -34.41 -10.57
CA SER B 344 16.83 -34.10 -9.97
C SER B 344 16.95 -32.63 -9.64
N PHE B 345 16.35 -31.75 -10.46
CA PHE B 345 16.32 -30.32 -10.17
C PHE B 345 15.45 -30.05 -8.95
N LEU B 346 14.18 -30.45 -9.02
CA LEU B 346 13.24 -30.20 -7.94
C LEU B 346 13.75 -30.73 -6.59
N LYS B 347 14.25 -31.98 -6.56
CA LYS B 347 14.78 -32.58 -5.33
C LYS B 347 15.98 -31.79 -4.81
N GLN B 348 15.99 -31.56 -3.50
CA GLN B 348 17.06 -30.81 -2.86
C GLN B 348 17.17 -31.25 -1.40
N ASP B 349 18.40 -31.51 -0.96
CA ASP B 349 18.62 -31.96 0.41
C ASP B 349 18.50 -30.76 1.35
N TYR B 350 17.86 -30.98 2.48
CA TYR B 350 17.54 -29.89 3.36
C TYR B 350 18.75 -29.12 3.84
N ARG B 351 19.97 -29.61 3.63
CA ARG B 351 21.16 -28.92 4.14
C ARG B 351 22.12 -28.55 3.03
N LEU B 352 21.65 -28.62 1.80
CA LEU B 352 22.38 -28.20 0.61
C LEU B 352 21.71 -26.95 0.00
N GLY B 353 22.49 -25.89 -0.21
CA GLY B 353 21.98 -24.65 -0.80
C GLY B 353 22.59 -24.31 -2.16
N PHE B 354 21.81 -23.61 -2.98
CA PHE B 354 22.24 -23.19 -4.30
C PHE B 354 22.17 -21.67 -4.42
N THR B 355 22.79 -21.13 -5.47
CA THR B 355 22.77 -19.69 -5.71
C THR B 355 22.08 -19.38 -7.03
N TYR B 356 21.67 -18.11 -7.18
CA TYR B 356 20.89 -17.66 -8.33
C TYR B 356 21.50 -18.18 -9.62
N GLU B 357 22.81 -17.95 -9.78
CA GLU B 357 23.50 -18.29 -11.01
C GLU B 357 23.35 -19.78 -11.33
N GLN B 358 23.59 -20.65 -10.36
CA GLN B 358 23.62 -22.08 -10.64
C GLN B 358 22.24 -22.72 -10.64
N THR B 359 21.26 -22.12 -9.96
CA THR B 359 19.89 -22.56 -10.15
C THR B 359 19.48 -22.35 -11.60
N GLU B 361 21.74 -21.94 -14.30
CA GLU B 361 22.54 -22.86 -15.11
C GLU B 361 21.80 -24.18 -15.23
N LEU B 362 21.50 -24.78 -14.10
CA LEU B 362 20.83 -26.07 -14.07
C LEU B 362 19.42 -26.00 -14.66
N ILE B 363 18.73 -24.86 -14.57
CA ILE B 363 17.44 -24.75 -15.24
C ILE B 363 17.64 -24.68 -16.76
N GLY B 364 18.70 -23.99 -17.22
CA GLY B 364 19.08 -24.09 -18.62
C GLY B 364 19.18 -25.53 -19.12
N GLU B 365 19.82 -26.41 -18.32
CA GLU B 365 20.05 -27.80 -18.72
C GLU B 365 18.77 -28.65 -18.73
N THR B 366 17.73 -28.24 -18.01
CA THR B 366 16.49 -29.00 -18.07
C THR B 366 15.75 -28.80 -19.39
N ILE B 367 16.30 -28.02 -20.32
CA ILE B 367 15.84 -27.92 -21.73
C ILE B 367 17.02 -27.56 -22.66
#